data_3GZX
#
_entry.id   3GZX
#
_cell.length_a   136.355
_cell.length_b   136.355
_cell.length_c   107.155
_cell.angle_alpha   90.00
_cell.angle_beta   90.00
_cell.angle_gamma   120.00
#
_symmetry.space_group_name_H-M   'H 3'
#
loop_
_entity.id
_entity.type
_entity.pdbx_description
1 polymer 'Biphenyl dioxygenase subunit alpha'
2 polymer 'Biphenyl dioxygenase subunit beta'
3 non-polymer 'FE (II) ION'
4 non-polymer 'FE2/S2 (INORGANIC) CLUSTER'
5 non-polymer BIPHENYL
6 non-polymer GLYCEROL
7 non-polymer '2-(N-MORPHOLINO)-ETHANESULFONIC ACID'
8 water water
#
loop_
_entity_poly.entity_id
_entity_poly.type
_entity_poly.pdbx_seq_one_letter_code
_entity_poly.pdbx_strand_id
1 'polypeptide(L)'
;MSSTMKDTQEAPVRWSRNWTPDAIRALVDQDNGKLDARIYADQDLYQLELERVFGRSWLMLGHETHIPKIGDYLTTYMGE
DPVIMVRQKDQSIKVFLNQCRHRGMRIVRSDGGNAKAFTCTYHGWAYDIAGNLVNVPFEKEAFCDKKEGDCGFDKADWGP
LQARVETYKGLVFANWDPEAPDLKTYLSDAMPYMDVMLDRTEAGTEAIGGIQKWVIPCNWKFAAEQFCSDMYHAGTMSHL
SGVLAGLPPEMDLTQIQLSKNGNQFRSAWGGHGAGWFINDSSILLSVVGPKITQYWTQGPAAEKAARRVPQLPILDMFGQ
HMTVFPTCSFLPGINTIRTWHPRGPNEVEVWAFVLVDADAPEDIKEEFRLQNIRTFNAGGVFEQDDGENWVEIQRVMRGH
KAKSTSLCAKMGLNVPNKNNPAYPGKTAYVYAEEAARGMYHHWSRMMSEPSWDTLKP
;
A
2 'polypeptide(L)'
;MISTPLSKEFEWPAKPVSLELQHQVEQFYYREAQLLDHHAFQAWFALLAEDIHYWMPIRTVRTAREQGLEYVPAGANAHF
DDTHATMYGRIRQKTSDLNWAEDPPSRTRHLVSNVIVREMDTPGTLEVASAFLLYRSRLERQVDVFAGERRDVLRIADNP
LGFQIAKRTIILDQSTVLANNLSVFF
;
B
#
loop_
_chem_comp.id
_chem_comp.type
_chem_comp.name
_chem_comp.formula
BNL non-polymer BIPHENYL 'C12 H10'
FE2 non-polymer 'FE (II) ION' 'Fe 2'
FES non-polymer 'FE2/S2 (INORGANIC) CLUSTER' 'Fe2 S2'
GOL non-polymer GLYCEROL 'C3 H8 O3'
MES non-polymer '2-(N-MORPHOLINO)-ETHANESULFONIC ACID' 'C6 H13 N O4 S'
#
# COMPACT_ATOMS: atom_id res chain seq x y z
N ASN A 18 5.79 33.13 -3.97
CA ASN A 18 6.95 33.12 -3.03
C ASN A 18 6.50 33.08 -1.56
N TRP A 19 6.80 31.96 -0.90
CA TRP A 19 6.42 31.76 0.50
C TRP A 19 7.57 32.10 1.45
N THR A 20 7.26 32.93 2.46
CA THR A 20 8.22 33.29 3.49
C THR A 20 8.09 32.34 4.69
N PRO A 21 9.17 32.14 5.46
CA PRO A 21 9.15 31.27 6.64
C PRO A 21 8.02 31.61 7.63
N ASP A 22 7.72 32.88 7.80
CA ASP A 22 6.63 33.33 8.67
C ASP A 22 5.25 32.96 8.11
N ALA A 23 5.10 33.07 6.78
CA ALA A 23 3.84 32.71 6.11
C ALA A 23 3.58 31.21 6.14
N ILE A 24 4.66 30.43 6.08
CA ILE A 24 4.57 28.97 6.13
C ILE A 24 4.19 28.49 7.54
N ARG A 25 4.84 29.08 8.56
CA ARG A 25 4.56 28.76 9.96
C ARG A 25 3.14 29.11 10.37
N ALA A 26 2.57 30.13 9.72
CA ALA A 26 1.20 30.58 10.00
C ALA A 26 0.13 29.60 9.52
N LEU A 27 0.52 28.69 8.62
CA LEU A 27 -0.39 27.69 8.07
C LEU A 27 -0.76 26.61 9.09
N VAL A 28 0.12 26.40 10.07
CA VAL A 28 -0.10 25.42 11.13
C VAL A 28 -0.01 26.09 12.50
N ASP A 29 -1.08 25.95 13.28
CA ASP A 29 -1.12 26.48 14.64
C ASP A 29 -1.43 25.35 15.63
N GLN A 30 -0.39 24.80 16.25
CA GLN A 30 -0.56 23.70 17.21
C GLN A 30 -1.04 24.19 18.57
N ASP A 31 -0.76 25.46 18.89
CA ASP A 31 -1.17 26.07 20.15
C ASP A 31 -2.67 26.35 20.19
N ASN A 32 -3.25 26.59 19.03
CA ASN A 32 -4.68 26.87 18.91
C ASN A 32 -5.46 25.77 18.17
N GLY A 33 -4.74 24.78 17.66
CA GLY A 33 -5.35 23.64 16.97
C GLY A 33 -6.05 24.02 15.67
N LYS A 34 -5.33 24.74 14.81
CA LYS A 34 -5.88 25.19 13.54
C LYS A 34 -4.95 24.87 12.37
N LEU A 35 -5.55 24.45 11.25
CA LEU A 35 -4.80 24.12 10.04
C LEU A 35 -5.36 24.86 8.83
N ASP A 36 -4.47 25.46 8.06
CA ASP A 36 -4.85 26.13 6.81
C ASP A 36 -4.93 25.07 5.70
N ALA A 37 -6.10 24.99 5.07
CA ALA A 37 -6.38 23.95 4.06
C ALA A 37 -5.47 24.03 2.82
N ARG A 38 -4.79 25.14 2.64
CA ARG A 38 -3.87 25.35 1.52
C ARG A 38 -2.71 24.36 1.48
N ILE A 39 -2.36 23.82 2.66
CA ILE A 39 -1.26 22.86 2.78
C ILE A 39 -1.48 21.59 1.95
N TYR A 40 -2.75 21.26 1.69
CA TYR A 40 -3.12 20.02 1.00
C TYR A 40 -3.21 20.13 -0.53
N ALA A 41 -3.26 21.35 -1.06
CA ALA A 41 -3.50 21.54 -2.50
C ALA A 41 -2.60 22.53 -3.23
N ASP A 42 -1.96 23.45 -2.49
CA ASP A 42 -1.12 24.49 -3.10
C ASP A 42 0.08 23.87 -3.83
N GLN A 43 0.22 24.22 -5.11
CA GLN A 43 1.27 23.68 -5.97
C GLN A 43 2.66 24.18 -5.57
N ASP A 44 2.75 25.44 -5.18
CA ASP A 44 4.01 26.05 -4.76
C ASP A 44 4.52 25.45 -3.45
N LEU A 45 3.58 25.16 -2.54
CA LEU A 45 3.92 24.49 -1.28
C LEU A 45 4.38 23.05 -1.51
N TYR A 46 3.83 22.39 -2.51
CA TYR A 46 4.24 21.03 -2.86
C TYR A 46 5.68 20.99 -3.38
N GLN A 47 6.05 21.96 -4.20
CA GLN A 47 7.41 22.04 -4.74
C GLN A 47 8.43 22.26 -3.62
N LEU A 48 8.03 23.04 -2.61
CA LEU A 48 8.86 23.25 -1.43
C LEU A 48 8.94 21.98 -0.57
N GLU A 49 7.89 21.17 -0.59
CA GLU A 49 7.88 19.87 0.09
C GLU A 49 8.90 18.91 -0.51
N LEU A 50 9.02 18.91 -1.83
CA LEU A 50 9.98 18.06 -2.53
C LEU A 50 11.43 18.38 -2.15
N GLU A 51 11.71 19.66 -1.92
CA GLU A 51 13.04 20.13 -1.56
C GLU A 51 13.29 20.02 -0.06
N ARG A 52 12.36 20.55 0.74
CA ARG A 52 12.58 20.75 2.18
C ARG A 52 12.08 19.61 3.07
N VAL A 53 11.18 18.79 2.54
CA VAL A 53 10.68 17.62 3.28
C VAL A 53 11.22 16.32 2.69
N PHE A 54 10.78 15.99 1.46
CA PHE A 54 11.16 14.73 0.82
C PHE A 54 12.63 14.66 0.43
N GLY A 55 13.23 15.82 0.18
CA GLY A 55 14.63 15.91 -0.22
C GLY A 55 15.63 15.71 0.90
N ARG A 56 15.16 15.69 2.14
CA ARG A 56 16.04 15.56 3.30
C ARG A 56 15.46 14.76 4.48
N SER A 57 14.39 14.02 4.23
CA SER A 57 13.81 13.11 5.22
C SER A 57 14.26 11.68 4.96
N TRP A 58 14.19 10.84 6.01
CA TRP A 58 14.41 9.42 5.85
C TRP A 58 13.12 8.76 5.35
N LEU A 59 13.20 8.18 4.16
CA LEU A 59 12.04 7.60 3.49
C LEU A 59 12.20 6.08 3.36
N MET A 60 11.12 5.35 3.62
CA MET A 60 11.12 3.89 3.54
CA MET A 60 11.14 3.90 3.53
C MET A 60 11.02 3.42 2.09
N LEU A 61 11.92 2.54 1.69
CA LEU A 61 11.98 2.03 0.32
C LEU A 61 11.48 0.60 0.21
N GLY A 62 11.66 -0.16 1.29
CA GLY A 62 11.26 -1.56 1.33
C GLY A 62 11.87 -2.30 2.51
N HIS A 63 11.96 -3.61 2.38
CA HIS A 63 12.49 -4.48 3.43
C HIS A 63 13.75 -5.18 2.91
N GLU A 64 14.61 -5.61 3.84
CA GLU A 64 15.85 -6.31 3.47
C GLU A 64 15.57 -7.63 2.74
N THR A 65 14.43 -8.25 3.03
CA THR A 65 14.03 -9.51 2.41
C THR A 65 13.59 -9.36 0.95
N HIS A 66 13.36 -8.13 0.52
CA HIS A 66 13.09 -7.84 -0.89
C HIS A 66 14.35 -8.03 -1.74
N ILE A 67 15.51 -7.83 -1.12
CA ILE A 67 16.80 -7.96 -1.80
C ILE A 67 17.80 -8.79 -0.97
N PRO A 68 17.52 -10.10 -0.79
CA PRO A 68 18.35 -10.92 0.12
C PRO A 68 19.73 -11.29 -0.42
N LYS A 69 19.85 -11.50 -1.73
CA LYS A 69 21.10 -11.97 -2.34
C LYS A 69 21.90 -10.86 -3.01
N ILE A 70 23.18 -11.10 -3.23
CA ILE A 70 24.07 -10.16 -3.92
C ILE A 70 23.56 -9.91 -5.34
N GLY A 71 23.41 -8.64 -5.69
CA GLY A 71 22.94 -8.26 -7.03
C GLY A 71 21.44 -8.05 -7.12
N ASP A 72 20.71 -8.53 -6.12
CA ASP A 72 19.26 -8.34 -6.05
C ASP A 72 18.93 -6.85 -5.92
N TYR A 73 17.96 -6.40 -6.71
CA TYR A 73 17.56 -5.00 -6.70
C TYR A 73 16.05 -4.81 -6.66
N LEU A 74 15.63 -3.66 -6.17
CA LEU A 74 14.25 -3.23 -6.21
C LEU A 74 14.19 -1.78 -6.66
N THR A 75 13.38 -1.50 -7.67
CA THR A 75 13.15 -0.13 -8.10
C THR A 75 11.98 0.44 -7.31
N THR A 76 12.21 1.60 -6.72
CA THR A 76 11.19 2.27 -5.90
C THR A 76 11.32 3.80 -6.03
N TYR A 77 10.79 4.53 -5.07
CA TYR A 77 10.77 5.99 -5.15
C TYR A 77 11.22 6.70 -3.88
N MET A 78 11.85 7.84 -4.06
CA MET A 78 12.08 8.81 -3.00
C MET A 78 11.40 10.10 -3.43
N GLY A 79 10.17 10.30 -2.96
CA GLY A 79 9.31 11.36 -3.48
C GLY A 79 8.85 11.01 -4.88
N GLU A 80 9.21 11.83 -5.85
CA GLU A 80 8.92 11.56 -7.26
C GLU A 80 10.15 11.06 -8.01
N ASP A 81 11.27 10.95 -7.30
CA ASP A 81 12.53 10.46 -7.88
C ASP A 81 12.59 8.93 -7.87
N PRO A 82 12.72 8.31 -9.06
CA PRO A 82 12.89 6.86 -9.11
C PRO A 82 14.29 6.45 -8.68
N VAL A 83 14.37 5.46 -7.79
CA VAL A 83 15.66 5.01 -7.25
C VAL A 83 15.83 3.50 -7.34
N ILE A 84 17.08 3.05 -7.36
CA ILE A 84 17.42 1.63 -7.37
C ILE A 84 17.99 1.23 -6.00
N MET A 85 17.33 0.29 -5.35
CA MET A 85 17.80 -0.26 -4.08
C MET A 85 18.42 -1.63 -4.34
N VAL A 86 19.72 -1.74 -4.14
CA VAL A 86 20.48 -2.92 -4.57
C VAL A 86 21.45 -3.44 -3.50
N ARG A 87 21.44 -4.76 -3.31
CA ARG A 87 22.35 -5.44 -2.39
C ARG A 87 23.76 -5.56 -2.98
N GLN A 88 24.75 -5.18 -2.18
CA GLN A 88 26.15 -5.17 -2.62
C GLN A 88 26.87 -6.48 -2.31
N LYS A 89 28.11 -6.60 -2.78
CA LYS A 89 28.94 -7.78 -2.55
C LYS A 89 29.33 -7.95 -1.09
N ASP A 90 29.46 -6.83 -0.38
CA ASP A 90 29.78 -6.84 1.05
C ASP A 90 28.52 -6.88 1.93
N GLN A 91 27.40 -7.26 1.31
CA GLN A 91 26.10 -7.41 1.97
C GLN A 91 25.43 -6.09 2.38
N SER A 92 26.08 -4.96 2.06
CA SER A 92 25.51 -3.65 2.31
C SER A 92 24.46 -3.31 1.25
N ILE A 93 23.70 -2.25 1.48
CA ILE A 93 22.68 -1.80 0.54
C ILE A 93 22.98 -0.38 0.07
N LYS A 94 22.99 -0.19 -1.25
CA LYS A 94 23.18 1.13 -1.83
CA LYS A 94 23.19 1.13 -1.85
C LYS A 94 21.93 1.59 -2.57
N VAL A 95 21.70 2.90 -2.53
CA VAL A 95 20.54 3.51 -3.19
C VAL A 95 21.00 4.68 -4.05
N PHE A 96 20.69 4.61 -5.34
CA PHE A 96 21.03 5.68 -6.26
C PHE A 96 19.92 5.95 -7.28
N LEU A 97 19.91 7.17 -7.80
CA LEU A 97 18.89 7.63 -8.75
C LEU A 97 18.85 6.76 -10.01
N ASN A 98 17.64 6.35 -10.38
CA ASN A 98 17.43 5.57 -11.61
C ASN A 98 17.43 6.48 -12.83
N GLN A 99 18.56 7.15 -13.04
CA GLN A 99 18.72 8.11 -14.13
C GLN A 99 20.14 8.09 -14.66
N CYS A 100 20.28 7.83 -15.96
CA CYS A 100 21.57 7.85 -16.64
C CYS A 100 22.10 9.29 -16.70
N ARG A 101 23.39 9.45 -16.43
CA ARG A 101 24.01 10.78 -16.39
C ARG A 101 24.27 11.38 -17.77
N HIS A 102 24.06 10.58 -18.82
CA HIS A 102 24.27 11.05 -20.19
C HIS A 102 23.12 11.94 -20.67
N ARG A 103 21.95 11.35 -20.86
CA ARG A 103 20.77 12.10 -21.31
C ARG A 103 19.52 11.90 -20.45
N GLY A 104 19.67 11.17 -19.33
CA GLY A 104 18.60 11.05 -18.35
C GLY A 104 17.68 9.85 -18.47
N MET A 105 18.05 8.89 -19.32
CA MET A 105 17.26 7.68 -19.52
C MET A 105 17.23 6.81 -18.27
N ARG A 106 16.07 6.20 -18.01
CA ARG A 106 15.91 5.25 -16.92
C ARG A 106 16.84 4.06 -17.15
N ILE A 107 17.73 3.82 -16.19
CA ILE A 107 18.72 2.75 -16.32
C ILE A 107 18.08 1.37 -16.16
N VAL A 108 17.22 1.24 -15.15
CA VAL A 108 16.55 -0.03 -14.86
C VAL A 108 15.05 0.11 -15.05
N ARG A 109 14.49 -0.72 -15.94
CA ARG A 109 13.09 -0.64 -16.32
C ARG A 109 12.22 -1.73 -15.67
N SER A 110 12.87 -2.61 -14.90
CA SER A 110 12.18 -3.70 -14.21
C SER A 110 11.83 -3.34 -12.77
N ASP A 111 10.80 -3.99 -12.23
CA ASP A 111 10.39 -3.81 -10.84
C ASP A 111 11.40 -4.36 -9.84
N GLY A 112 12.13 -5.39 -10.26
CA GLY A 112 13.12 -6.05 -9.43
C GLY A 112 13.72 -7.26 -10.11
N GLY A 113 14.68 -7.89 -9.43
CA GLY A 113 15.36 -9.08 -9.96
C GLY A 113 16.80 -9.12 -9.52
N ASN A 114 17.63 -9.83 -10.28
CA ASN A 114 19.06 -9.94 -10.02
C ASN A 114 19.88 -9.45 -11.20
N ALA A 115 20.92 -8.66 -10.92
CA ALA A 115 21.76 -8.10 -11.98
C ALA A 115 23.25 -8.10 -11.61
N LYS A 116 24.09 -8.23 -12.63
CA LYS A 116 25.53 -8.07 -12.48
C LYS A 116 25.92 -6.66 -12.90
N ALA A 117 25.07 -6.03 -13.71
CA ALA A 117 25.26 -4.67 -14.17
C ALA A 117 23.92 -4.05 -14.59
N PHE A 118 23.85 -2.72 -14.56
CA PHE A 118 22.68 -1.98 -15.05
C PHE A 118 23.07 -1.20 -16.30
N THR A 119 22.44 -1.54 -17.42
CA THR A 119 22.78 -0.94 -18.71
C THR A 119 21.66 -0.05 -19.26
N CYS A 120 22.05 1.15 -19.68
CA CYS A 120 21.12 2.10 -20.30
C CYS A 120 20.87 1.70 -21.76
N THR A 121 19.61 1.67 -22.14
CA THR A 121 19.21 1.19 -23.48
C THR A 121 19.44 2.20 -24.60
N TYR A 122 19.64 3.47 -24.24
CA TYR A 122 19.78 4.54 -25.23
C TYR A 122 21.15 4.49 -25.94
N HIS A 123 22.23 4.63 -25.17
CA HIS A 123 23.58 4.63 -25.76
C HIS A 123 24.51 3.56 -25.17
N GLY A 124 23.96 2.70 -24.31
CA GLY A 124 24.70 1.54 -23.80
C GLY A 124 25.66 1.79 -22.66
N TRP A 125 25.48 2.90 -21.95
CA TRP A 125 26.28 3.21 -20.76
C TRP A 125 25.94 2.20 -19.66
N ALA A 126 26.95 1.46 -19.23
CA ALA A 126 26.76 0.40 -18.23
C ALA A 126 27.30 0.80 -16.86
N TYR A 127 26.48 0.55 -15.83
CA TYR A 127 26.83 0.84 -14.46
C TYR A 127 26.90 -0.46 -13.67
N ASP A 128 27.85 -0.54 -12.73
CA ASP A 128 27.92 -1.68 -11.83
C ASP A 128 26.84 -1.60 -10.75
N ILE A 129 26.72 -2.64 -9.92
CA ILE A 129 25.69 -2.67 -8.88
C ILE A 129 25.90 -1.64 -7.76
N ALA A 130 27.06 -1.00 -7.76
CA ALA A 130 27.36 0.06 -6.80
C ALA A 130 26.94 1.44 -7.32
N GLY A 131 26.62 1.51 -8.61
CA GLY A 131 26.20 2.76 -9.25
C GLY A 131 27.32 3.50 -9.94
N ASN A 132 28.48 2.85 -10.05
CA ASN A 132 29.63 3.41 -10.76
C ASN A 132 29.52 3.16 -12.26
N LEU A 133 29.82 4.19 -13.05
CA LEU A 133 29.88 4.05 -14.50
C LEU A 133 31.15 3.29 -14.88
N VAL A 134 30.96 2.09 -15.43
CA VAL A 134 32.08 1.18 -15.70
C VAL A 134 32.34 0.93 -17.19
N ASN A 135 31.32 1.12 -18.02
CA ASN A 135 31.45 0.92 -19.45
C ASN A 135 30.76 1.99 -20.29
N VAL A 136 31.56 2.70 -21.08
CA VAL A 136 31.06 3.68 -22.04
C VAL A 136 31.47 3.23 -23.44
N PRO A 137 30.49 2.84 -24.28
CA PRO A 137 30.79 2.43 -25.65
C PRO A 137 31.52 3.51 -26.43
N PHE A 138 32.56 3.11 -27.17
CA PHE A 138 33.38 4.00 -27.99
C PHE A 138 34.14 5.07 -27.19
N GLU A 139 34.49 4.77 -25.95
CA GLU A 139 35.25 5.72 -25.11
C GLU A 139 36.63 5.99 -25.70
N LYS A 140 37.28 4.93 -26.18
CA LYS A 140 38.61 5.03 -26.78
C LYS A 140 38.59 5.83 -28.09
N GLU A 141 37.54 5.65 -28.88
CA GLU A 141 37.44 6.28 -30.20
C GLU A 141 36.91 7.71 -30.17
N ALA A 142 36.06 8.02 -29.19
CA ALA A 142 35.30 9.27 -29.21
C ALA A 142 35.49 10.18 -27.99
N PHE A 143 35.80 9.60 -26.84
CA PHE A 143 35.85 10.36 -25.59
C PHE A 143 37.26 10.79 -25.16
N CYS A 144 38.27 10.09 -25.65
CA CYS A 144 39.66 10.38 -25.29
C CYS A 144 40.62 10.28 -26.48
N ASP A 145 41.85 10.76 -26.29
CA ASP A 145 42.87 10.77 -27.34
C ASP A 145 43.74 9.53 -27.31
N LYS A 146 44.59 9.41 -26.29
CA LYS A 146 45.53 8.29 -26.18
C LYS A 146 45.16 7.35 -25.04
N LYS A 147 44.76 7.92 -23.90
CA LYS A 147 44.42 7.15 -22.70
C LYS A 147 43.12 7.68 -22.11
N GLU A 148 42.37 6.80 -21.45
CA GLU A 148 41.10 7.18 -20.82
C GLU A 148 41.27 8.34 -19.83
N GLY A 149 40.56 9.43 -20.10
CA GLY A 149 40.54 10.59 -19.19
C GLY A 149 41.43 11.75 -19.58
N ASP A 150 42.19 11.62 -20.66
CA ASP A 150 43.15 12.65 -21.07
C ASP A 150 42.55 13.85 -21.80
N CYS A 151 41.24 13.81 -22.02
CA CYS A 151 40.52 14.90 -22.70
C CYS A 151 39.39 15.49 -21.86
N GLY A 152 39.38 15.18 -20.56
CA GLY A 152 38.42 15.77 -19.63
C GLY A 152 37.25 14.89 -19.26
N PHE A 153 37.11 13.75 -19.92
CA PHE A 153 36.02 12.82 -19.62
C PHE A 153 36.48 11.65 -18.74
N ASP A 154 35.94 11.60 -17.53
CA ASP A 154 36.21 10.52 -16.59
CA ASP A 154 36.21 10.52 -16.59
C ASP A 154 34.90 9.86 -16.16
N LYS A 155 34.85 8.54 -16.26
CA LYS A 155 33.65 7.77 -15.89
C LYS A 155 33.27 7.93 -14.41
N ALA A 156 34.27 8.20 -13.57
CA ALA A 156 34.06 8.40 -12.13
C ALA A 156 33.25 9.67 -11.82
N ASP A 157 33.24 10.61 -12.76
CA ASP A 157 32.51 11.87 -12.59
C ASP A 157 31.02 11.74 -12.92
N TRP A 158 30.65 10.68 -13.63
CA TRP A 158 29.30 10.60 -14.21
C TRP A 158 28.45 9.42 -13.71
N GLY A 159 28.43 9.23 -12.39
CA GLY A 159 27.55 8.26 -11.74
C GLY A 159 26.30 8.94 -11.22
N PRO A 160 25.17 8.20 -11.15
CA PRO A 160 23.92 8.76 -10.64
C PRO A 160 24.02 9.11 -9.14
N LEU A 161 23.23 10.10 -8.73
CA LEU A 161 23.24 10.61 -7.36
C LEU A 161 22.99 9.51 -6.33
N GLN A 162 23.86 9.43 -5.34
CA GLN A 162 23.78 8.43 -4.28
C GLN A 162 23.03 8.96 -3.07
N ALA A 163 22.23 8.09 -2.44
CA ALA A 163 21.52 8.42 -1.22
C ALA A 163 22.14 7.70 -0.03
N ARG A 164 22.05 8.31 1.14
CA ARG A 164 22.46 7.67 2.39
C ARG A 164 21.49 6.53 2.70
N VAL A 165 22.03 5.39 3.13
CA VAL A 165 21.22 4.21 3.40
C VAL A 165 21.42 3.73 4.83
N GLU A 166 20.30 3.58 5.54
CA GLU A 166 20.29 2.99 6.88
C GLU A 166 19.11 2.04 7.03
N THR A 167 19.34 0.93 7.72
CA THR A 167 18.29 -0.04 8.00
C THR A 167 17.90 0.00 9.48
N TYR A 168 16.61 -0.12 9.75
CA TYR A 168 16.14 -0.31 11.12
C TYR A 168 15.32 -1.60 11.23
N LYS A 169 15.94 -2.62 11.80
CA LYS A 169 15.31 -3.91 12.06
C LYS A 169 14.46 -4.41 10.88
N GLY A 170 15.11 -4.53 9.71
CA GLY A 170 14.45 -5.04 8.51
C GLY A 170 14.10 -4.00 7.48
N LEU A 171 13.61 -2.84 7.93
CA LEU A 171 13.18 -1.78 7.03
C LEU A 171 14.35 -0.97 6.50
N VAL A 172 14.33 -0.70 5.19
CA VAL A 172 15.38 0.09 4.55
C VAL A 172 14.93 1.55 4.37
N PHE A 173 15.69 2.46 4.94
CA PHE A 173 15.43 3.90 4.82
C PHE A 173 16.54 4.59 4.02
N ALA A 174 16.17 5.66 3.32
CA ALA A 174 17.13 6.44 2.54
C ALA A 174 16.92 7.95 2.68
N ASN A 175 18.02 8.69 2.55
CA ASN A 175 18.02 10.15 2.68
C ASN A 175 19.09 10.77 1.79
N TRP A 176 18.71 11.79 1.02
CA TRP A 176 19.64 12.47 0.12
C TRP A 176 20.64 13.35 0.86
N ASP A 177 20.17 14.00 1.94
CA ASP A 177 20.91 15.06 2.63
C ASP A 177 22.04 14.53 3.51
N PRO A 178 23.30 14.90 3.21
CA PRO A 178 24.44 14.53 4.05
C PRO A 178 24.44 15.26 5.40
N GLU A 179 23.75 16.40 5.48
CA GLU A 179 23.68 17.20 6.70
C GLU A 179 22.58 16.72 7.66
N ALA A 180 21.68 15.87 7.16
CA ALA A 180 20.59 15.32 7.96
C ALA A 180 21.09 14.42 9.09
N PRO A 181 20.32 14.31 10.19
CA PRO A 181 20.71 13.40 11.28
C PRO A 181 20.60 11.95 10.86
N ASP A 182 21.32 11.07 11.57
CA ASP A 182 21.24 9.63 11.33
C ASP A 182 19.84 9.11 11.62
N LEU A 183 19.52 7.94 11.07
CA LEU A 183 18.16 7.37 11.16
C LEU A 183 17.63 7.26 12.60
N LYS A 184 18.44 6.72 13.51
CA LYS A 184 18.03 6.51 14.89
C LYS A 184 17.75 7.81 15.65
N THR A 185 18.59 8.82 15.42
CA THR A 185 18.38 10.16 15.99
C THR A 185 17.11 10.77 15.42
N TYR A 186 16.90 10.58 14.11
CA TYR A 186 15.72 11.01 13.38
C TYR A 186 14.44 10.39 13.93
N LEU A 187 14.54 9.15 14.41
CA LEU A 187 13.38 8.40 14.91
C LEU A 187 12.97 8.79 16.34
N SER A 188 13.78 9.65 16.97
CA SER A 188 13.46 10.22 18.30
C SER A 188 13.17 9.13 19.34
N ASP A 189 12.04 9.27 20.05
CA ASP A 189 11.64 8.32 21.07
C ASP A 189 10.54 7.36 20.58
N ALA A 190 10.44 7.22 19.25
CA ALA A 190 9.37 6.43 18.63
C ALA A 190 9.74 4.97 18.36
N MET A 191 11.01 4.62 18.57
CA MET A 191 11.53 3.29 18.23
C MET A 191 10.85 2.10 18.94
N PRO A 192 10.57 2.22 20.27
CA PRO A 192 9.84 1.14 20.94
C PRO A 192 8.49 0.83 20.29
N TYR A 193 7.79 1.86 19.84
CA TYR A 193 6.49 1.72 19.19
C TYR A 193 6.60 1.01 17.83
N MET A 194 7.75 1.18 17.17
CA MET A 194 8.06 0.47 15.93
C MET A 194 8.36 -1.00 16.21
N ASP A 195 9.02 -1.26 17.34
CA ASP A 195 9.46 -2.59 17.74
C ASP A 195 8.31 -3.57 18.02
N VAL A 196 7.13 -3.01 18.31
CA VAL A 196 5.91 -3.81 18.52
C VAL A 196 5.64 -4.72 17.33
N MET A 197 6.02 -4.26 16.14
CA MET A 197 5.88 -5.03 14.92
C MET A 197 7.23 -5.61 14.45
N LEU A 198 8.30 -4.85 14.65
CA LEU A 198 9.60 -5.14 14.03
C LEU A 198 10.57 -5.99 14.86
N ASP A 199 10.43 -5.97 16.19
CA ASP A 199 11.40 -6.64 17.06
C ASP A 199 10.76 -7.66 18.02
N ARG A 200 9.77 -8.39 17.53
CA ARG A 200 9.06 -9.39 18.34
C ARG A 200 9.88 -10.67 18.55
N THR A 201 10.79 -10.94 17.61
CA THR A 201 11.59 -12.16 17.64
C THR A 201 13.03 -11.89 17.20
N GLU A 202 13.96 -12.75 17.63
CA GLU A 202 15.36 -12.66 17.23
C GLU A 202 15.54 -13.04 15.76
N ALA A 203 14.55 -13.72 15.20
CA ALA A 203 14.56 -14.13 13.79
C ALA A 203 14.23 -12.96 12.86
N GLY A 204 13.69 -11.89 13.42
CA GLY A 204 13.31 -10.72 12.63
C GLY A 204 12.03 -10.92 11.84
N THR A 205 11.74 -9.99 10.95
CA THR A 205 10.57 -10.09 10.08
C THR A 205 10.97 -10.41 8.64
N GLU A 206 9.98 -10.82 7.85
CA GLU A 206 10.16 -11.04 6.42
C GLU A 206 8.94 -10.52 5.66
N ALA A 207 9.18 -10.01 4.45
CA ALA A 207 8.11 -9.51 3.61
C ALA A 207 7.53 -10.64 2.75
N ILE A 208 6.21 -10.79 2.82
CA ILE A 208 5.49 -11.68 1.92
C ILE A 208 5.64 -11.13 0.50
N GLY A 209 5.94 -12.01 -0.45
CA GLY A 209 6.13 -11.61 -1.84
C GLY A 209 4.95 -10.86 -2.41
N GLY A 210 5.22 -9.78 -3.13
CA GLY A 210 4.18 -8.99 -3.77
C GLY A 210 3.93 -7.65 -3.10
N ILE A 211 4.42 -6.59 -3.74
CA ILE A 211 4.13 -5.23 -3.31
C ILE A 211 2.93 -4.73 -4.11
N GLN A 212 1.84 -4.42 -3.43
CA GLN A 212 0.65 -3.91 -4.11
C GLN A 212 0.76 -2.40 -4.29
N LYS A 213 0.59 -1.96 -5.55
CA LYS A 213 0.70 -0.56 -5.91
C LYS A 213 -0.62 -0.07 -6.48
N TRP A 214 -1.15 1.03 -5.91
CA TRP A 214 -2.33 1.69 -6.47
C TRP A 214 -2.31 3.21 -6.31
N VAL A 215 -3.13 3.88 -7.11
CA VAL A 215 -3.10 5.34 -7.22
C VAL A 215 -4.34 5.98 -6.59
N ILE A 216 -4.13 6.82 -5.58
CA ILE A 216 -5.21 7.58 -4.94
C ILE A 216 -5.05 9.07 -5.22
N PRO A 217 -6.05 9.70 -5.88
CA PRO A 217 -6.02 11.15 -6.09
C PRO A 217 -6.29 11.96 -4.80
N CYS A 218 -5.33 11.97 -3.89
CA CYS A 218 -5.40 12.77 -2.67
C CYS A 218 -3.99 13.18 -2.21
N ASN A 219 -3.93 14.14 -1.31
CA ASN A 219 -2.65 14.57 -0.73
C ASN A 219 -2.08 13.53 0.22
N TRP A 220 -0.75 13.43 0.24
CA TRP A 220 -0.05 12.44 1.07
C TRP A 220 -0.29 12.63 2.57
N LYS A 221 -0.51 13.88 2.97
CA LYS A 221 -0.67 14.23 4.38
C LYS A 221 -1.94 13.65 5.01
N PHE A 222 -3.00 13.48 4.21
CA PHE A 222 -4.23 12.86 4.70
C PHE A 222 -3.99 11.41 5.13
N ALA A 223 -3.26 10.67 4.31
CA ALA A 223 -2.91 9.28 4.60
C ALA A 223 -1.90 9.18 5.73
N ALA A 224 -0.88 10.04 5.69
CA ALA A 224 0.16 10.08 6.71
C ALA A 224 -0.39 10.44 8.09
N GLU A 225 -1.31 11.41 8.14
CA GLU A 225 -1.93 11.82 9.40
C GLU A 225 -2.83 10.74 9.98
N GLN A 226 -3.58 10.07 9.11
CA GLN A 226 -4.54 9.04 9.53
C GLN A 226 -3.86 7.91 10.29
N PHE A 227 -2.73 7.46 9.77
CA PHE A 227 -1.95 6.39 10.41
C PHE A 227 -1.12 6.93 11.58
N CYS A 228 -0.91 8.24 11.60
CA CYS A 228 -0.16 8.89 12.68
C CYS A 228 -0.99 9.10 13.94
N SER A 229 -2.24 9.52 13.76
CA SER A 229 -3.01 10.08 14.89
C SER A 229 -4.51 9.79 14.84
N ASP A 230 -4.98 9.14 13.79
CA ASP A 230 -6.43 9.05 13.55
C ASP A 230 -7.04 7.66 13.79
N MET A 231 -7.24 7.31 15.06
CA MET A 231 -8.04 6.15 15.42
C MET A 231 -9.52 6.57 15.41
N TYR A 232 -9.73 7.87 15.53
CA TYR A 232 -11.06 8.50 15.57
C TYR A 232 -11.98 8.04 14.44
N HIS A 233 -11.45 7.94 13.22
CA HIS A 233 -12.24 7.52 12.06
C HIS A 233 -12.71 6.07 12.15
N ALA A 234 -11.84 5.21 12.67
CA ALA A 234 -12.15 3.78 12.82
C ALA A 234 -13.17 3.54 13.93
N GLY A 235 -13.10 4.34 14.99
CA GLY A 235 -14.02 4.23 16.12
C GLY A 235 -15.35 4.92 15.91
N THR A 236 -15.52 5.56 14.75
CA THR A 236 -16.77 6.28 14.45
C THR A 236 -17.61 5.61 13.36
N MET A 237 -17.50 6.06 12.12
CA MET A 237 -18.35 5.50 11.06
CA MET A 237 -18.38 5.67 11.01
C MET A 237 -17.64 5.16 9.76
N SER A 238 -16.34 5.45 9.67
CA SER A 238 -15.56 5.13 8.47
C SER A 238 -15.53 3.63 8.12
N HIS A 239 -15.51 2.77 9.13
CA HIS A 239 -15.30 1.34 8.91
C HIS A 239 -16.40 0.43 9.46
N LEU A 240 -17.61 0.96 9.58
CA LEU A 240 -18.76 0.16 10.05
C LEU A 240 -19.04 -1.03 9.12
N SER A 241 -18.95 -0.80 7.81
CA SER A 241 -19.18 -1.84 6.82
C SER A 241 -18.03 -2.85 6.78
N GLY A 242 -16.82 -2.37 7.05
CA GLY A 242 -15.63 -3.23 7.12
C GLY A 242 -15.69 -4.19 8.30
N VAL A 243 -16.18 -3.70 9.44
CA VAL A 243 -16.38 -4.52 10.63
C VAL A 243 -17.47 -5.57 10.39
N LEU A 244 -18.55 -5.15 9.73
CA LEU A 244 -19.67 -6.05 9.41
C LEU A 244 -19.25 -7.19 8.49
N ALA A 245 -18.30 -6.92 7.60
CA ALA A 245 -17.76 -7.91 6.67
C ALA A 245 -17.12 -9.11 7.39
N GLY A 246 -16.56 -8.86 8.57
CA GLY A 246 -15.91 -9.91 9.36
C GLY A 246 -16.84 -10.63 10.33
N LEU A 247 -18.09 -10.18 10.41
CA LEU A 247 -19.07 -10.76 11.33
C LEU A 247 -19.82 -11.95 10.71
N PRO A 248 -20.07 -12.99 11.51
CA PRO A 248 -20.86 -14.15 11.07
C PRO A 248 -22.33 -13.79 10.80
N PRO A 249 -23.03 -14.58 9.97
CA PRO A 249 -24.43 -14.33 9.58
C PRO A 249 -25.38 -14.03 10.73
N GLU A 250 -25.17 -14.67 11.88
CA GLU A 250 -26.03 -14.48 13.05
C GLU A 250 -25.72 -13.20 13.85
N MET A 251 -24.64 -12.52 13.47
CA MET A 251 -24.20 -11.30 14.15
C MET A 251 -24.30 -10.06 13.27
N ASP A 252 -24.64 -8.93 13.87
CA ASP A 252 -24.67 -7.64 13.19
C ASP A 252 -24.00 -6.54 14.03
N LEU A 253 -24.04 -5.31 13.54
CA LEU A 253 -23.35 -4.19 14.19
C LEU A 253 -23.97 -3.73 15.51
N THR A 254 -25.22 -4.10 15.75
CA THR A 254 -25.92 -3.74 16.98
C THR A 254 -25.44 -4.56 18.17
N GLN A 255 -24.93 -5.75 17.90
CA GLN A 255 -24.47 -6.68 18.94
C GLN A 255 -23.04 -6.38 19.38
N ILE A 256 -22.22 -5.89 18.46
CA ILE A 256 -20.84 -5.55 18.79
C ILE A 256 -20.75 -4.23 19.55
N GLN A 257 -19.85 -4.17 20.52
CA GLN A 257 -19.73 -3.00 21.38
C GLN A 257 -19.23 -1.77 20.62
N LEU A 258 -18.06 -1.28 21.01
CA LEU A 258 -17.51 -0.06 20.43
C LEU A 258 -16.01 0.03 20.66
N SER A 259 -15.62 0.28 21.91
CA SER A 259 -14.22 0.46 22.26
C SER A 259 -13.94 1.93 22.54
N LYS A 260 -13.45 2.21 23.74
CA LYS A 260 -13.27 3.61 24.17
C LYS A 260 -12.03 3.78 25.05
N ASN A 261 -11.34 2.68 25.34
CA ASN A 261 -10.13 2.70 26.21
CA ASN A 261 -10.16 2.74 26.19
C ASN A 261 -8.87 2.57 25.39
N GLY A 262 -8.01 3.58 25.46
CA GLY A 262 -6.72 3.56 24.77
C GLY A 262 -5.97 4.88 24.82
N ASN A 263 -4.80 4.90 24.18
CA ASN A 263 -3.95 6.10 24.15
C ASN A 263 -3.26 6.31 22.81
N GLN A 264 -2.72 7.51 22.63
CA GLN A 264 -1.87 7.82 21.47
C GLN A 264 -0.56 8.46 21.89
N PHE A 265 0.44 8.41 21.00
CA PHE A 265 1.79 8.87 21.28
C PHE A 265 2.26 9.90 20.25
N ARG A 266 2.86 10.97 20.75
CA ARG A 266 3.50 11.98 19.92
C ARG A 266 5.00 11.99 20.19
N SER A 267 5.80 11.88 19.14
CA SER A 267 7.26 11.86 19.28
C SER A 267 7.81 13.20 19.74
N ALA A 268 8.88 13.16 20.55
CA ALA A 268 9.54 14.35 21.06
C ALA A 268 10.04 15.26 19.94
N TRP A 269 10.50 14.63 18.86
CA TRP A 269 10.93 15.33 17.65
C TRP A 269 10.54 14.48 16.44
N GLY A 270 10.25 15.14 15.31
CA GLY A 270 10.12 14.46 14.04
C GLY A 270 8.73 14.32 13.46
N GLY A 271 7.70 14.46 14.29
CA GLY A 271 6.32 14.35 13.84
C GLY A 271 5.82 12.93 13.69
N HIS A 272 6.51 11.99 14.33
CA HIS A 272 6.08 10.59 14.37
C HIS A 272 4.92 10.45 15.35
N GLY A 273 4.07 9.45 15.12
CA GLY A 273 2.91 9.22 15.98
C GLY A 273 2.38 7.81 15.93
N ALA A 274 1.77 7.39 17.04
CA ALA A 274 1.15 6.07 17.14
C ALA A 274 -0.09 6.12 18.02
N GLY A 275 -1.05 5.21 17.76
CA GLY A 275 -2.28 5.11 18.54
C GLY A 275 -2.75 3.68 18.66
N TRP A 276 -3.37 3.35 19.79
CA TRP A 276 -3.75 1.97 20.11
C TRP A 276 -4.88 1.92 21.13
N PHE A 277 -5.63 0.81 21.11
CA PHE A 277 -6.61 0.53 22.17
C PHE A 277 -5.97 -0.32 23.26
N ILE A 278 -6.50 -0.21 24.48
CA ILE A 278 -5.96 -0.92 25.64
C ILE A 278 -6.98 -1.91 26.21
N ASN A 279 -6.52 -3.15 26.43
CA ASN A 279 -7.31 -4.21 27.08
C ASN A 279 -8.60 -4.57 26.35
N ASP A 280 -8.60 -4.41 25.03
CA ASP A 280 -9.76 -4.73 24.20
C ASP A 280 -9.29 -5.17 22.81
N SER A 281 -9.46 -6.46 22.53
CA SER A 281 -8.99 -7.05 21.26
C SER A 281 -10.04 -6.99 20.15
N SER A 282 -11.17 -6.36 20.42
CA SER A 282 -12.30 -6.29 19.49
C SER A 282 -11.95 -5.73 18.11
N ILE A 283 -11.24 -4.59 18.09
CA ILE A 283 -10.86 -3.94 16.84
C ILE A 283 -9.83 -4.73 16.04
N LEU A 284 -8.98 -5.48 16.74
CA LEU A 284 -7.99 -6.34 16.11
C LEU A 284 -8.66 -7.60 15.58
N LEU A 285 -9.51 -8.20 16.40
CA LEU A 285 -10.26 -9.42 16.06
C LEU A 285 -11.10 -9.25 14.80
N SER A 286 -11.65 -8.05 14.61
CA SER A 286 -12.47 -7.73 13.45
CA SER A 286 -12.47 -7.72 13.44
C SER A 286 -11.65 -7.74 12.14
N VAL A 287 -10.38 -7.37 12.26
CA VAL A 287 -9.49 -7.28 11.09
C VAL A 287 -8.72 -8.57 10.85
N VAL A 288 -8.10 -9.12 11.89
CA VAL A 288 -7.17 -10.26 11.75
C VAL A 288 -7.74 -11.62 12.13
N GLY A 289 -8.86 -11.63 12.84
CA GLY A 289 -9.49 -12.89 13.26
C GLY A 289 -8.94 -13.47 14.54
N PRO A 290 -9.52 -14.60 15.02
CA PRO A 290 -9.15 -15.21 16.30
C PRO A 290 -7.76 -15.84 16.35
N LYS A 291 -7.30 -16.40 15.22
CA LYS A 291 -6.01 -17.11 15.18
C LYS A 291 -4.83 -16.18 15.39
N ILE A 292 -4.84 -15.03 14.70
CA ILE A 292 -3.78 -14.04 14.84
C ILE A 292 -3.83 -13.34 16.20
N THR A 293 -5.04 -13.02 16.65
CA THR A 293 -5.25 -12.39 17.97
C THR A 293 -4.66 -13.25 19.08
N GLN A 294 -4.85 -14.56 18.98
CA GLN A 294 -4.28 -15.52 19.94
C GLN A 294 -2.76 -15.55 19.87
N TYR A 295 -2.22 -15.53 18.64
CA TYR A 295 -0.77 -15.50 18.40
C TYR A 295 -0.15 -14.20 18.93
N TRP A 296 -0.90 -13.10 18.80
CA TRP A 296 -0.44 -11.77 19.20
C TRP A 296 -0.42 -11.57 20.72
N THR A 297 -1.19 -12.39 21.43
CA THR A 297 -1.42 -12.18 22.88
C THR A 297 -0.99 -13.34 23.78
N GLN A 298 -1.15 -14.57 23.31
CA GLN A 298 -0.92 -15.76 24.14
C GLN A 298 0.07 -16.75 23.52
N GLY A 299 0.94 -17.31 24.36
CA GLY A 299 1.90 -18.32 23.91
C GLY A 299 3.34 -17.85 23.95
N PRO A 300 4.29 -18.75 23.59
CA PRO A 300 5.73 -18.46 23.59
C PRO A 300 6.14 -17.26 22.75
N ALA A 301 5.52 -17.09 21.58
CA ALA A 301 5.84 -15.97 20.69
C ALA A 301 5.47 -14.63 21.31
N ALA A 302 4.28 -14.56 21.92
CA ALA A 302 3.81 -13.35 22.58
C ALA A 302 4.66 -13.02 23.83
N GLU A 303 5.04 -14.07 24.56
CA GLU A 303 5.89 -13.93 25.74
C GLU A 303 7.29 -13.43 25.37
N LYS A 304 7.84 -13.94 24.28
CA LYS A 304 9.14 -13.51 23.78
C LYS A 304 9.13 -12.04 23.37
N ALA A 305 8.07 -11.64 22.67
CA ALA A 305 7.89 -10.26 22.23
C ALA A 305 7.82 -9.28 23.40
N ALA A 306 7.17 -9.70 24.48
CA ALA A 306 7.04 -8.89 25.69
C ALA A 306 8.40 -8.63 26.35
N ARG A 307 9.28 -9.62 26.29
CA ARG A 307 10.64 -9.48 26.83
C ARG A 307 11.49 -8.57 25.95
N ARG A 308 11.30 -8.67 24.63
CA ARG A 308 12.10 -7.93 23.66
C ARG A 308 11.70 -6.46 23.54
N VAL A 309 10.48 -6.14 23.94
CA VAL A 309 10.00 -4.74 23.96
C VAL A 309 9.54 -4.38 25.38
N PRO A 310 10.50 -4.20 26.32
CA PRO A 310 10.15 -4.01 27.74
C PRO A 310 9.68 -2.60 28.08
N GLN A 311 9.86 -1.65 27.17
CA GLN A 311 9.47 -0.26 27.40
C GLN A 311 7.98 -0.02 27.21
N LEU A 312 7.29 -1.01 26.64
CA LEU A 312 5.86 -0.93 26.39
C LEU A 312 5.11 -2.17 26.88
N PRO A 313 3.91 -1.98 27.45
CA PRO A 313 3.04 -3.10 27.79
C PRO A 313 2.33 -3.64 26.54
N ILE A 314 3.10 -4.23 25.64
CA ILE A 314 2.64 -4.61 24.30
C ILE A 314 1.49 -5.63 24.28
N LEU A 315 1.40 -6.46 25.31
CA LEU A 315 0.36 -7.48 25.41
C LEU A 315 -1.01 -6.88 25.69
N ASP A 316 -1.02 -5.64 26.17
CA ASP A 316 -2.26 -4.92 26.46
C ASP A 316 -2.65 -3.95 25.33
N MET A 317 -1.81 -3.89 24.29
CA MET A 317 -2.03 -2.98 23.16
C MET A 317 -2.71 -3.69 22.00
N PHE A 318 -3.73 -3.05 21.42
CA PHE A 318 -4.51 -3.64 20.33
C PHE A 318 -4.85 -2.65 19.23
N GLY A 319 -4.75 -3.11 17.98
CA GLY A 319 -5.13 -2.32 16.80
C GLY A 319 -4.28 -1.07 16.59
N GLN A 320 -2.98 -1.19 16.87
CA GLN A 320 -2.06 -0.06 16.77
C GLN A 320 -1.93 0.50 15.36
N HIS A 321 -1.86 1.83 15.26
CA HIS A 321 -1.53 2.51 14.02
C HIS A 321 -0.28 3.37 14.24
N MET A 322 0.53 3.53 13.18
CA MET A 322 1.76 4.32 13.29
C MET A 322 2.19 4.94 11.96
N THR A 323 2.74 6.16 12.06
CA THR A 323 3.43 6.80 10.95
C THR A 323 4.82 7.27 11.40
N VAL A 324 5.84 6.83 10.67
CA VAL A 324 7.17 7.41 10.77
C VAL A 324 7.26 8.49 9.70
N PHE A 325 7.32 9.74 10.15
CA PHE A 325 7.34 10.92 9.28
C PHE A 325 8.44 10.83 8.21
N PRO A 326 8.11 11.23 6.96
CA PRO A 326 6.80 11.72 6.53
C PRO A 326 5.80 10.69 6.02
N THR A 327 6.28 9.58 5.46
CA THR A 327 5.41 8.72 4.64
C THR A 327 5.49 7.20 4.91
N CYS A 328 6.12 6.82 6.01
CA CYS A 328 6.18 5.40 6.38
C CYS A 328 5.08 5.05 7.38
N SER A 329 4.09 4.28 6.93
CA SER A 329 2.94 3.95 7.75
C SER A 329 2.70 2.45 7.86
N PHE A 330 2.31 2.00 9.05
CA PHE A 330 2.05 0.59 9.31
C PHE A 330 1.07 0.34 10.45
N LEU A 331 0.54 -0.88 10.53
CA LEU A 331 -0.42 -1.25 11.56
C LEU A 331 0.01 -2.54 12.28
N PRO A 332 0.79 -2.40 13.36
CA PRO A 332 1.24 -3.56 14.15
C PRO A 332 0.06 -4.41 14.63
N GLY A 333 0.14 -5.72 14.37
CA GLY A 333 -0.95 -6.64 14.68
C GLY A 333 -1.61 -7.14 13.41
N ILE A 334 -1.90 -6.21 12.51
CA ILE A 334 -2.38 -6.53 11.17
C ILE A 334 -1.17 -6.74 10.26
N ASN A 335 -0.14 -5.92 10.50
CA ASN A 335 1.16 -6.01 9.83
C ASN A 335 1.18 -5.60 8.35
N THR A 336 0.22 -4.78 7.97
CA THR A 336 0.31 -4.06 6.70
C THR A 336 1.29 -2.89 6.89
N ILE A 337 2.11 -2.65 5.87
CA ILE A 337 3.07 -1.54 5.88
C ILE A 337 3.16 -0.95 4.48
N ARG A 338 3.27 0.37 4.40
CA ARG A 338 3.26 1.07 3.11
C ARG A 338 4.04 2.38 3.10
N THR A 339 4.47 2.77 1.91
CA THR A 339 5.01 4.11 1.68
C THR A 339 4.02 4.87 0.80
N TRP A 340 3.74 6.11 1.19
CA TRP A 340 2.92 7.01 0.38
C TRP A 340 3.84 7.82 -0.53
N HIS A 341 3.93 7.43 -1.80
CA HIS A 341 4.74 8.17 -2.77
C HIS A 341 3.93 9.34 -3.33
N PRO A 342 4.41 10.58 -3.09
CA PRO A 342 3.68 11.76 -3.56
C PRO A 342 3.71 11.90 -5.08
N ARG A 343 2.60 12.35 -5.66
CA ARG A 343 2.48 12.55 -7.09
C ARG A 343 1.77 13.88 -7.36
N GLY A 344 2.36 14.96 -6.85
CA GLY A 344 1.71 16.26 -6.85
C GLY A 344 0.91 16.44 -5.58
N PRO A 345 0.32 17.64 -5.38
CA PRO A 345 -0.48 17.89 -4.19
C PRO A 345 -1.82 17.14 -4.20
N ASN A 346 -2.23 16.68 -5.38
CA ASN A 346 -3.55 16.08 -5.57
C ASN A 346 -3.55 14.58 -5.84
N GLU A 347 -2.41 13.93 -5.65
CA GLU A 347 -2.29 12.50 -5.96
C GLU A 347 -1.18 11.80 -5.15
N VAL A 348 -1.43 10.52 -4.83
CA VAL A 348 -0.47 9.69 -4.13
CA VAL A 348 -0.45 9.68 -4.15
C VAL A 348 -0.49 8.25 -4.68
N GLU A 349 0.67 7.57 -4.59
CA GLU A 349 0.77 6.17 -4.93
C GLU A 349 1.06 5.38 -3.67
N VAL A 350 0.22 4.40 -3.37
CA VAL A 350 0.43 3.54 -2.21
C VAL A 350 1.19 2.29 -2.62
N TRP A 351 2.36 2.09 -2.02
CA TRP A 351 3.15 0.88 -2.22
C TRP A 351 3.15 0.08 -0.92
N ALA A 352 2.30 -0.95 -0.89
CA ALA A 352 2.04 -1.71 0.34
C ALA A 352 2.50 -3.15 0.25
N PHE A 353 3.01 -3.66 1.38
CA PHE A 353 3.36 -5.08 1.50
C PHE A 353 3.08 -5.59 2.91
N VAL A 354 3.15 -6.91 3.09
CA VAL A 354 2.82 -7.53 4.37
C VAL A 354 4.07 -8.12 5.03
N LEU A 355 4.23 -7.84 6.32
CA LEU A 355 5.34 -8.38 7.10
C LEU A 355 4.86 -9.45 8.07
N VAL A 356 5.63 -10.53 8.17
CA VAL A 356 5.38 -11.58 9.15
C VAL A 356 6.66 -11.91 9.90
N ASP A 357 6.52 -12.38 11.15
CA ASP A 357 7.65 -12.89 11.92
C ASP A 357 8.25 -14.07 11.15
N ALA A 358 9.57 -14.03 10.95
CA ALA A 358 10.27 -15.04 10.14
C ALA A 358 10.13 -16.46 10.70
N ASP A 359 9.97 -16.56 12.02
CA ASP A 359 9.88 -17.85 12.70
C ASP A 359 8.44 -18.26 13.06
N ALA A 360 7.47 -17.46 12.61
CA ALA A 360 6.05 -17.76 12.84
C ALA A 360 5.64 -19.06 12.14
N PRO A 361 4.74 -19.85 12.77
CA PRO A 361 4.22 -21.06 12.14
C PRO A 361 3.57 -20.76 10.78
N GLU A 362 3.60 -21.74 9.88
CA GLU A 362 3.13 -21.56 8.51
C GLU A 362 1.65 -21.19 8.41
N ASP A 363 0.83 -21.72 9.31
CA ASP A 363 -0.61 -21.39 9.34
C ASP A 363 -0.87 -19.97 9.81
N ILE A 364 0.04 -19.43 10.62
CA ILE A 364 -0.03 -18.04 11.07
C ILE A 364 0.36 -17.08 9.95
N LYS A 365 1.45 -17.41 9.24
CA LYS A 365 1.89 -16.64 8.07
C LYS A 365 0.80 -16.58 6.98
N GLU A 366 0.15 -17.72 6.76
CA GLU A 366 -0.94 -17.82 5.78
C GLU A 366 -2.15 -16.99 6.20
N GLU A 367 -2.45 -17.01 7.50
CA GLU A 367 -3.55 -16.23 8.04
C GLU A 367 -3.28 -14.72 7.90
N PHE A 368 -2.06 -14.29 8.21
CA PHE A 368 -1.64 -12.91 8.00
C PHE A 368 -1.80 -12.49 6.53
N ARG A 369 -1.45 -13.40 5.64
CA ARG A 369 -1.52 -13.15 4.20
C ARG A 369 -2.95 -12.92 3.72
N LEU A 370 -3.85 -13.84 4.08
CA LEU A 370 -5.24 -13.79 3.62
C LEU A 370 -6.07 -12.68 4.28
N GLN A 371 -5.81 -12.42 5.56
CA GLN A 371 -6.53 -11.38 6.28
C GLN A 371 -6.15 -9.98 5.81
N ASN A 372 -4.89 -9.81 5.40
CA ASN A 372 -4.41 -8.55 4.83
C ASN A 372 -5.05 -8.22 3.49
N ILE A 373 -5.12 -9.21 2.61
CA ILE A 373 -5.78 -9.08 1.30
C ILE A 373 -7.26 -8.73 1.49
N ARG A 374 -7.87 -9.34 2.51
CA ARG A 374 -9.27 -9.10 2.85
C ARG A 374 -9.56 -7.67 3.31
N THR A 375 -8.58 -7.06 4.00
CA THR A 375 -8.84 -5.83 4.75
C THR A 375 -8.08 -4.60 4.27
N PHE A 376 -6.75 -4.64 4.37
CA PHE A 376 -5.92 -3.49 4.02
C PHE A 376 -5.19 -3.72 2.71
N ASN A 377 -5.93 -3.45 1.63
CA ASN A 377 -5.57 -3.83 0.28
C ASN A 377 -6.39 -2.94 -0.64
N ALA A 378 -5.89 -2.71 -1.87
CA ALA A 378 -6.61 -1.90 -2.86
C ALA A 378 -8.10 -2.28 -2.96
N GLY A 379 -8.39 -3.57 -2.83
CA GLY A 379 -9.77 -4.06 -2.86
C GLY A 379 -10.28 -4.53 -1.50
N GLY A 380 -9.54 -4.23 -0.44
CA GLY A 380 -9.89 -4.65 0.91
C GLY A 380 -11.11 -3.95 1.48
N VAL A 381 -11.78 -4.60 2.44
CA VAL A 381 -13.03 -4.11 3.01
C VAL A 381 -12.86 -2.86 3.90
N PHE A 382 -11.64 -2.65 4.40
CA PHE A 382 -11.34 -1.45 5.19
C PHE A 382 -10.76 -0.34 4.32
N GLU A 383 -9.71 -0.69 3.56
CA GLU A 383 -8.94 0.27 2.77
C GLU A 383 -9.78 1.08 1.77
N GLN A 384 -10.76 0.43 1.13
CA GLN A 384 -11.58 1.07 0.09
C GLN A 384 -12.38 2.27 0.61
N ASP A 385 -12.82 2.20 1.86
CA ASP A 385 -13.57 3.29 2.48
C ASP A 385 -12.68 4.44 2.94
N ASP A 386 -11.42 4.12 3.22
CA ASP A 386 -10.42 5.13 3.58
C ASP A 386 -10.14 6.07 2.40
N GLY A 387 -9.80 5.47 1.26
CA GLY A 387 -9.49 6.21 0.04
C GLY A 387 -10.63 7.11 -0.42
N GLU A 388 -11.85 6.58 -0.39
CA GLU A 388 -13.04 7.31 -0.80
C GLU A 388 -13.22 8.63 -0.04
N ASN A 389 -12.89 8.61 1.25
CA ASN A 389 -12.89 9.83 2.06
C ASN A 389 -11.85 10.83 1.58
N TRP A 390 -10.62 10.35 1.36
CA TRP A 390 -9.51 11.20 0.96
C TRP A 390 -9.69 11.85 -0.42
N VAL A 391 -10.22 11.08 -1.37
CA VAL A 391 -10.45 11.56 -2.75
CA VAL A 391 -10.43 11.58 -2.74
C VAL A 391 -11.48 12.70 -2.78
N GLU A 392 -12.51 12.56 -1.94
CA GLU A 392 -13.59 13.55 -1.88
C GLU A 392 -13.13 14.85 -1.21
N ILE A 393 -12.25 14.75 -0.22
CA ILE A 393 -11.65 15.92 0.42
C ILE A 393 -10.86 16.72 -0.62
N GLN A 394 -10.05 16.03 -1.41
CA GLN A 394 -9.21 16.65 -2.44
C GLN A 394 -10.04 17.34 -3.53
N ARG A 395 -11.16 16.72 -3.89
CA ARG A 395 -12.07 17.27 -4.91
C ARG A 395 -12.74 18.56 -4.46
N VAL A 396 -13.12 18.63 -3.18
CA VAL A 396 -13.71 19.83 -2.60
C VAL A 396 -12.67 20.94 -2.52
N MET A 397 -11.43 20.57 -2.24
CA MET A 397 -10.34 21.55 -2.12
CA MET A 397 -10.34 21.55 -2.12
C MET A 397 -10.05 22.33 -3.39
N ARG A 398 -10.65 21.90 -4.51
CA ARG A 398 -10.49 22.60 -5.79
CA ARG A 398 -10.48 22.60 -5.78
C ARG A 398 -11.17 23.96 -5.78
N GLY A 399 -12.16 24.12 -4.89
CA GLY A 399 -12.90 25.37 -4.75
C GLY A 399 -12.08 26.47 -4.09
N HIS A 400 -12.36 27.71 -4.47
CA HIS A 400 -11.60 28.87 -4.01
C HIS A 400 -11.76 29.14 -2.51
N LYS A 401 -12.99 29.03 -2.01
CA LYS A 401 -13.27 29.23 -0.60
C LYS A 401 -12.87 28.02 0.24
N ALA A 402 -13.05 26.83 -0.33
CA ALA A 402 -12.76 25.58 0.36
C ALA A 402 -11.27 25.31 0.56
N LYS A 403 -10.43 25.90 -0.30
CA LYS A 403 -8.99 25.68 -0.25
C LYS A 403 -8.27 26.51 0.84
N SER A 404 -8.94 27.54 1.34
CA SER A 404 -8.36 28.43 2.35
CA SER A 404 -8.36 28.43 2.35
C SER A 404 -9.05 28.32 3.70
N THR A 405 -9.90 27.30 3.84
CA THR A 405 -10.66 27.06 5.07
C THR A 405 -9.76 26.76 6.26
N SER A 406 -10.09 27.34 7.41
CA SER A 406 -9.42 27.03 8.67
C SER A 406 -10.02 25.74 9.24
N LEU A 407 -9.21 24.69 9.30
CA LEU A 407 -9.67 23.37 9.73
C LEU A 407 -9.38 23.10 11.21
N CYS A 408 -10.23 22.31 11.84
CA CYS A 408 -10.15 22.04 13.27
C CYS A 408 -9.19 20.92 13.62
N ALA A 409 -8.10 21.28 14.31
CA ALA A 409 -7.16 20.31 14.86
C ALA A 409 -7.08 20.45 16.37
N LYS A 410 -8.21 20.83 16.97
CA LYS A 410 -8.28 21.13 18.41
C LYS A 410 -8.46 19.91 19.30
N MET A 411 -8.74 18.75 18.71
CA MET A 411 -9.07 17.54 19.46
C MET A 411 -8.02 17.15 20.49
N GLY A 412 -8.39 17.26 21.77
CA GLY A 412 -7.52 16.89 22.88
C GLY A 412 -6.66 18.01 23.43
N LEU A 413 -6.66 19.15 22.74
CA LEU A 413 -5.86 20.31 23.15
C LEU A 413 -6.40 20.93 24.44
N ASN A 414 -5.48 21.15 25.39
CA ASN A 414 -5.81 21.69 26.72
C ASN A 414 -6.67 20.76 27.60
N VAL A 415 -6.96 19.56 27.08
CA VAL A 415 -7.73 18.56 27.82
C VAL A 415 -6.80 17.80 28.76
N PRO A 416 -7.04 17.91 30.08
CA PRO A 416 -6.13 17.37 31.10
C PRO A 416 -6.33 15.87 31.38
N ASN A 417 -5.31 15.26 31.97
CA ASN A 417 -5.35 13.87 32.46
C ASN A 417 -5.67 12.82 31.39
N LYS A 418 -5.07 12.98 30.21
CA LYS A 418 -5.27 12.05 29.10
C LYS A 418 -4.01 11.24 28.77
N ASN A 419 -2.91 11.58 29.45
CA ASN A 419 -1.65 10.87 29.28
C ASN A 419 -1.63 9.52 29.98
N ASN A 420 -0.65 8.68 29.63
CA ASN A 420 -0.47 7.37 30.25
C ASN A 420 1.01 7.13 30.59
N PRO A 421 1.33 7.09 31.90
CA PRO A 421 2.71 6.94 32.39
C PRO A 421 3.36 5.60 32.07
N ALA A 422 2.57 4.60 31.65
CA ALA A 422 3.10 3.29 31.27
C ALA A 422 3.81 3.33 29.91
N TYR A 423 3.62 4.43 29.19
CA TYR A 423 4.18 4.60 27.85
C TYR A 423 5.19 5.76 27.81
N PRO A 424 6.35 5.55 27.15
CA PRO A 424 7.37 6.59 27.06
C PRO A 424 6.98 7.74 26.15
N GLY A 425 7.47 8.94 26.46
CA GLY A 425 7.22 10.14 25.67
C GLY A 425 5.87 10.77 25.94
N LYS A 426 5.50 11.72 25.09
CA LYS A 426 4.23 12.44 25.19
C LYS A 426 3.06 11.55 24.76
N THR A 427 2.09 11.39 25.65
CA THR A 427 0.90 10.59 25.35
C THR A 427 -0.39 11.38 25.53
N ALA A 428 -1.42 10.97 24.79
CA ALA A 428 -2.76 11.55 24.89
C ALA A 428 -3.80 10.43 24.74
N TYR A 429 -5.07 10.82 24.70
CA TYR A 429 -6.17 9.87 24.53
C TYR A 429 -6.15 9.22 23.14
N VAL A 430 -6.68 8.01 23.03
CA VAL A 430 -6.72 7.29 21.74
C VAL A 430 -7.44 8.10 20.66
N TYR A 431 -8.52 8.77 21.06
CA TYR A 431 -9.21 9.73 20.21
C TYR A 431 -8.68 11.12 20.51
N ALA A 432 -7.62 11.50 19.81
CA ALA A 432 -6.99 12.81 19.95
C ALA A 432 -6.19 13.17 18.71
N GLU A 433 -5.78 14.44 18.63
CA GLU A 433 -4.96 14.90 17.52
C GLU A 433 -3.67 15.57 17.99
N GLU A 434 -3.13 15.06 19.10
CA GLU A 434 -1.84 15.50 19.63
C GLU A 434 -0.71 15.10 18.68
N ALA A 435 -0.72 13.84 18.26
CA ALA A 435 0.25 13.33 17.29
C ALA A 435 0.09 14.01 15.93
N ALA A 436 -1.15 14.37 15.59
CA ALA A 436 -1.46 15.09 14.35
C ALA A 436 -0.87 16.50 14.38
N ARG A 437 -1.12 17.21 15.48
CA ARG A 437 -0.55 18.55 15.69
C ARG A 437 0.97 18.52 15.65
N GLY A 438 1.54 17.44 16.20
CA GLY A 438 2.98 17.22 16.15
C GLY A 438 3.51 16.99 14.75
N MET A 439 2.74 16.25 13.95
CA MET A 439 3.09 15.97 12.56
C MET A 439 3.14 17.25 11.73
N TYR A 440 2.09 18.07 11.84
CA TYR A 440 1.99 19.31 11.08
C TYR A 440 2.92 20.40 11.60
N HIS A 441 3.22 20.38 12.89
CA HIS A 441 4.20 21.31 13.47
C HIS A 441 5.60 21.04 12.94
N HIS A 442 5.98 19.76 12.88
CA HIS A 442 7.27 19.38 12.33
C HIS A 442 7.34 19.61 10.82
N TRP A 443 6.20 19.40 10.15
CA TRP A 443 6.06 19.73 8.73
C TRP A 443 6.39 21.20 8.49
N SER A 444 5.80 22.08 9.29
CA SER A 444 6.02 23.52 9.17
C SER A 444 7.45 23.93 9.52
N ARG A 445 8.07 23.17 10.42
CA ARG A 445 9.47 23.39 10.80
C ARG A 445 10.42 23.08 9.64
N MET A 446 10.21 21.94 8.99
CA MET A 446 11.03 21.52 7.85
CA MET A 446 11.03 21.51 7.84
C MET A 446 10.86 22.46 6.66
N MET A 447 9.65 23.01 6.52
CA MET A 447 9.30 23.89 5.41
C MET A 447 9.80 25.33 5.60
N SER A 448 10.07 25.72 6.84
CA SER A 448 10.44 27.11 7.16
C SER A 448 11.90 27.30 7.58
N GLU A 449 12.53 26.24 8.07
CA GLU A 449 13.93 26.31 8.52
C GLU A 449 14.86 25.70 7.47
N PRO A 450 15.72 26.53 6.86
CA PRO A 450 16.61 26.07 5.77
C PRO A 450 17.78 25.19 6.23
N SER A 451 18.17 25.31 7.50
CA SER A 451 19.37 24.62 7.99
C SER A 451 19.06 23.58 9.07
N TRP A 452 19.84 22.50 9.05
CA TRP A 452 19.77 21.46 10.09
C TRP A 452 20.37 21.92 11.41
N ASP A 453 21.05 23.07 11.40
CA ASP A 453 21.63 23.67 12.60
C ASP A 453 20.56 23.98 13.65
N THR A 454 19.35 24.27 13.19
CA THR A 454 18.21 24.54 14.06
C THR A 454 17.18 23.42 14.03
N LEU A 455 17.08 22.74 12.89
CA LEU A 455 16.07 21.70 12.68
CA LEU A 455 16.08 21.68 12.68
C LEU A 455 16.35 20.41 13.47
N LYS A 456 17.63 20.06 13.62
CA LYS A 456 18.03 18.83 14.31
C LYS A 456 17.56 18.81 15.77
N PRO A 457 17.21 17.61 16.29
CA PRO A 457 16.79 17.48 17.69
C PRO A 457 17.93 17.73 18.68
N MET B 1 -6.54 -26.28 -19.34
CA MET B 1 -5.63 -26.77 -18.27
C MET B 1 -5.59 -25.76 -17.13
N ILE B 2 -6.01 -26.19 -15.94
CA ILE B 2 -6.20 -25.31 -14.79
C ILE B 2 -4.91 -24.60 -14.35
N SER B 3 -3.79 -25.31 -14.43
CA SER B 3 -2.51 -24.79 -13.95
C SER B 3 -1.63 -24.16 -15.03
N THR B 4 -2.22 -23.86 -16.19
CA THR B 4 -1.52 -23.11 -17.23
C THR B 4 -1.07 -21.76 -16.68
N PRO B 5 0.22 -21.40 -16.87
CA PRO B 5 0.69 -20.08 -16.47
C PRO B 5 -0.16 -18.98 -17.08
N LEU B 6 -0.50 -17.97 -16.27
CA LEU B 6 -1.35 -16.87 -16.71
C LEU B 6 -0.69 -16.02 -17.79
N SER B 7 0.64 -16.12 -17.90
CA SER B 7 1.39 -15.48 -18.96
C SER B 7 1.19 -16.19 -20.31
N LYS B 8 0.85 -17.47 -20.24
CA LYS B 8 0.66 -18.30 -21.43
C LYS B 8 -0.82 -18.33 -21.87
N GLU B 9 -1.04 -18.51 -23.17
CA GLU B 9 -2.39 -18.57 -23.74
C GLU B 9 -3.21 -19.74 -23.21
N PHE B 10 -4.54 -19.59 -23.23
CA PHE B 10 -5.48 -20.60 -22.77
C PHE B 10 -5.38 -21.88 -23.62
N GLU B 11 -5.42 -23.03 -22.97
CA GLU B 11 -5.35 -24.32 -23.67
C GLU B 11 -6.74 -24.71 -24.19
N TRP B 12 -7.11 -24.14 -25.34
CA TRP B 12 -8.38 -24.48 -26.00
C TRP B 12 -8.37 -25.92 -26.52
N PRO B 13 -9.54 -26.58 -26.53
CA PRO B 13 -9.65 -27.95 -27.05
C PRO B 13 -9.33 -28.04 -28.54
N ALA B 14 -9.07 -29.26 -29.03
CA ALA B 14 -8.72 -29.50 -30.43
C ALA B 14 -9.73 -28.88 -31.40
N LYS B 15 -11.01 -29.12 -31.14
CA LYS B 15 -12.09 -28.47 -31.88
C LYS B 15 -12.98 -27.66 -30.92
N PRO B 16 -13.54 -26.53 -31.41
CA PRO B 16 -14.45 -25.72 -30.58
C PRO B 16 -15.67 -26.51 -30.12
N VAL B 17 -16.21 -26.14 -28.95
CA VAL B 17 -17.38 -26.80 -28.39
C VAL B 17 -18.62 -26.59 -29.27
N SER B 18 -19.70 -27.30 -28.94
CA SER B 18 -20.96 -27.21 -29.69
C SER B 18 -21.56 -25.81 -29.64
N LEU B 19 -22.41 -25.51 -30.62
CA LEU B 19 -23.14 -24.24 -30.68
C LEU B 19 -24.00 -24.03 -29.44
N GLU B 20 -24.68 -25.10 -29.02
CA GLU B 20 -25.55 -25.08 -27.85
C GLU B 20 -24.81 -24.71 -26.56
N LEU B 21 -23.65 -25.34 -26.35
CA LEU B 21 -22.85 -25.09 -25.15
C LEU B 21 -22.25 -23.69 -25.14
N GLN B 22 -21.76 -23.24 -26.29
CA GLN B 22 -21.24 -21.87 -26.43
C GLN B 22 -22.31 -20.85 -26.06
N HIS B 23 -23.52 -21.08 -26.56
CA HIS B 23 -24.67 -20.21 -26.29
C HIS B 23 -25.00 -20.17 -24.80
N GLN B 24 -25.07 -21.33 -24.16
CA GLN B 24 -25.42 -21.42 -22.74
C GLN B 24 -24.40 -20.74 -21.82
N VAL B 25 -23.11 -20.89 -22.13
CA VAL B 25 -22.05 -20.25 -21.35
C VAL B 25 -22.08 -18.73 -21.51
N GLU B 26 -22.18 -18.26 -22.75
CA GLU B 26 -22.26 -16.82 -23.03
C GLU B 26 -23.47 -16.18 -22.36
N GLN B 27 -24.63 -16.80 -22.52
CA GLN B 27 -25.87 -16.30 -21.92
C GLN B 27 -25.80 -16.24 -20.40
N PHE B 28 -25.11 -17.22 -19.80
CA PHE B 28 -24.87 -17.20 -18.35
C PHE B 28 -24.04 -15.99 -17.95
N TYR B 29 -22.96 -15.72 -18.70
CA TYR B 29 -22.09 -14.58 -18.44
C TYR B 29 -22.81 -13.24 -18.62
N TYR B 30 -23.68 -13.15 -19.62
CA TYR B 30 -24.46 -11.94 -19.87
C TYR B 30 -25.42 -11.69 -18.70
N ARG B 31 -26.01 -12.77 -18.20
CA ARG B 31 -26.90 -12.69 -17.03
C ARG B 31 -26.13 -12.34 -15.76
N GLU B 32 -24.92 -12.87 -15.63
CA GLU B 32 -24.03 -12.54 -14.50
C GLU B 32 -23.68 -11.05 -14.53
N ALA B 33 -23.38 -10.54 -15.72
CA ALA B 33 -23.05 -9.12 -15.92
C ALA B 33 -24.22 -8.21 -15.59
N GLN B 34 -25.42 -8.62 -15.98
CA GLN B 34 -26.65 -7.89 -15.67
C GLN B 34 -26.84 -7.71 -14.17
N LEU B 35 -26.60 -8.76 -13.40
CA LEU B 35 -26.74 -8.72 -11.94
C LEU B 35 -25.76 -7.74 -11.30
N LEU B 36 -24.49 -7.79 -11.71
CA LEU B 36 -23.47 -6.89 -11.19
C LEU B 36 -23.71 -5.44 -11.59
N ASP B 37 -24.06 -5.22 -12.86
CA ASP B 37 -24.29 -3.88 -13.38
C ASP B 37 -25.57 -3.22 -12.86
N HIS B 38 -26.43 -4.01 -12.23
CA HIS B 38 -27.64 -3.51 -11.60
C HIS B 38 -27.66 -3.74 -10.08
N HIS B 39 -26.48 -3.98 -9.53
CA HIS B 39 -26.25 -4.07 -8.08
C HIS B 39 -27.11 -5.13 -7.37
N ALA B 40 -27.37 -6.23 -8.06
CA ALA B 40 -28.06 -7.37 -7.47
C ALA B 40 -27.03 -8.32 -6.87
N PHE B 41 -26.38 -7.85 -5.81
CA PHE B 41 -25.23 -8.55 -5.23
C PHE B 41 -25.57 -9.87 -4.55
N GLN B 42 -26.74 -9.95 -3.92
CA GLN B 42 -27.20 -11.18 -3.29
C GLN B 42 -27.51 -12.26 -4.33
N ALA B 43 -28.12 -11.85 -5.44
CA ALA B 43 -28.41 -12.74 -6.55
C ALA B 43 -27.13 -13.22 -7.23
N TRP B 44 -26.15 -12.31 -7.35
CA TRP B 44 -24.85 -12.64 -7.91
C TRP B 44 -24.08 -13.62 -7.04
N PHE B 45 -24.13 -13.41 -5.73
CA PHE B 45 -23.43 -14.25 -4.76
C PHE B 45 -23.95 -15.70 -4.78
N ALA B 46 -25.24 -15.86 -5.08
CA ALA B 46 -25.87 -17.18 -5.19
C ALA B 46 -25.25 -18.03 -6.30
N LEU B 47 -24.59 -17.36 -7.26
CA LEU B 47 -23.94 -18.05 -8.38
C LEU B 47 -22.56 -18.60 -8.02
N LEU B 48 -22.03 -18.19 -6.87
CA LEU B 48 -20.73 -18.66 -6.41
C LEU B 48 -20.88 -19.97 -5.63
N ALA B 49 -20.17 -21.00 -6.07
CA ALA B 49 -20.21 -22.32 -5.44
C ALA B 49 -19.63 -22.27 -4.02
N GLU B 50 -19.99 -23.24 -3.19
CA GLU B 50 -19.53 -23.30 -1.81
C GLU B 50 -18.00 -23.41 -1.69
N ASP B 51 -17.36 -23.99 -2.71
CA ASP B 51 -15.92 -24.17 -2.73
C ASP B 51 -15.21 -23.15 -3.65
N ILE B 52 -15.85 -22.01 -3.88
CA ILE B 52 -15.30 -20.96 -4.74
C ILE B 52 -13.93 -20.48 -4.28
N HIS B 53 -13.01 -20.34 -5.25
CA HIS B 53 -11.78 -19.61 -5.05
C HIS B 53 -11.70 -18.45 -6.04
N TYR B 54 -11.81 -17.24 -5.49
CA TYR B 54 -11.85 -16.01 -6.27
C TYR B 54 -10.50 -15.33 -6.10
N TRP B 55 -9.72 -15.28 -7.19
CA TRP B 55 -8.32 -14.88 -7.11
C TRP B 55 -7.89 -13.94 -8.22
N MET B 56 -7.25 -12.84 -7.84
CA MET B 56 -6.68 -11.88 -8.79
CA MET B 56 -6.68 -11.88 -8.79
C MET B 56 -5.24 -11.56 -8.40
N PRO B 57 -4.26 -12.15 -9.12
CA PRO B 57 -2.86 -11.93 -8.75
C PRO B 57 -2.32 -10.55 -9.13
N ILE B 58 -1.28 -10.13 -8.42
CA ILE B 58 -0.55 -8.90 -8.74
C ILE B 58 0.38 -9.16 -9.93
N ARG B 59 0.34 -8.25 -10.91
CA ARG B 59 1.24 -8.31 -12.07
C ARG B 59 2.38 -7.32 -11.92
N THR B 60 3.58 -7.75 -12.30
CA THR B 60 4.78 -6.91 -12.18
C THR B 60 5.39 -6.60 -13.54
N VAL B 61 6.25 -5.59 -13.55
CA VAL B 61 6.96 -5.16 -14.77
C VAL B 61 8.35 -5.80 -14.78
N ARG B 62 8.58 -6.66 -15.76
CA ARG B 62 9.83 -7.43 -15.84
C ARG B 62 10.46 -7.34 -17.23
N THR B 63 11.79 -7.33 -17.26
CA THR B 63 12.54 -7.38 -18.52
C THR B 63 12.65 -8.82 -19.03
N ALA B 64 13.41 -9.00 -20.11
CA ALA B 64 13.49 -10.27 -20.84
C ALA B 64 13.80 -11.50 -19.99
N ARG B 65 14.93 -11.47 -19.28
CA ARG B 65 15.46 -12.66 -18.58
C ARG B 65 14.68 -13.08 -17.33
N GLU B 66 13.83 -12.19 -16.83
CA GLU B 66 13.05 -12.47 -15.62
C GLU B 66 11.54 -12.34 -15.85
N GLN B 67 11.10 -12.71 -17.05
CA GLN B 67 9.70 -12.63 -17.43
C GLN B 67 8.84 -13.67 -16.71
N GLY B 68 9.48 -14.75 -16.25
CA GLY B 68 8.81 -15.79 -15.45
C GLY B 68 8.38 -15.29 -14.08
N LEU B 69 8.81 -14.08 -13.73
CA LEU B 69 8.46 -13.45 -12.45
C LEU B 69 7.40 -12.36 -12.61
N GLU B 70 6.76 -12.32 -13.78
CA GLU B 70 5.72 -11.32 -14.07
C GLU B 70 4.58 -11.38 -13.06
N TYR B 71 4.05 -12.58 -12.84
CA TYR B 71 2.93 -12.77 -11.93
C TYR B 71 3.41 -13.14 -10.53
N VAL B 72 2.93 -12.39 -9.54
CA VAL B 72 3.14 -12.74 -8.14
C VAL B 72 2.39 -14.05 -7.87
N PRO B 73 3.12 -15.11 -7.46
CA PRO B 73 2.57 -16.46 -7.42
C PRO B 73 1.47 -16.66 -6.37
N ALA B 74 0.73 -17.76 -6.51
CA ALA B 74 -0.23 -18.20 -5.50
C ALA B 74 0.48 -18.43 -4.17
N GLY B 75 -0.20 -18.15 -3.07
CA GLY B 75 0.39 -18.26 -1.74
C GLY B 75 1.23 -17.04 -1.37
N ALA B 76 1.05 -15.95 -2.11
CA ALA B 76 1.69 -14.68 -1.82
C ALA B 76 0.63 -13.56 -1.85
N ASN B 77 1.07 -12.30 -1.77
CA ASN B 77 0.15 -11.17 -1.82
C ASN B 77 -0.59 -11.11 -3.15
N ALA B 78 -1.83 -10.61 -3.11
CA ALA B 78 -2.69 -10.54 -4.29
C ALA B 78 -3.71 -9.42 -4.15
N HIS B 79 -4.38 -9.08 -5.26
CA HIS B 79 -5.46 -8.10 -5.26
C HIS B 79 -6.72 -8.70 -4.64
N PHE B 80 -7.05 -9.92 -5.06
CA PHE B 80 -8.11 -10.72 -4.47
C PHE B 80 -7.59 -12.13 -4.21
N ASP B 81 -8.00 -12.70 -3.08
CA ASP B 81 -7.73 -14.11 -2.76
C ASP B 81 -8.80 -14.55 -1.78
N ASP B 82 -9.90 -15.08 -2.31
CA ASP B 82 -11.13 -15.20 -1.56
C ASP B 82 -11.80 -16.58 -1.61
N THR B 83 -12.51 -16.89 -0.52
CA THR B 83 -13.32 -18.09 -0.41
C THR B 83 -14.80 -17.69 -0.35
N HIS B 84 -15.69 -18.66 -0.21
CA HIS B 84 -17.12 -18.39 -0.07
C HIS B 84 -17.43 -17.53 1.14
N ALA B 85 -16.70 -17.77 2.23
CA ALA B 85 -16.88 -17.03 3.49
C ALA B 85 -16.44 -15.57 3.41
N THR B 86 -15.29 -15.32 2.78
CA THR B 86 -14.77 -13.96 2.65
C THR B 86 -15.57 -13.15 1.63
N MET B 87 -16.02 -13.80 0.56
CA MET B 87 -16.88 -13.17 -0.44
C MET B 87 -18.24 -12.81 0.16
N TYR B 88 -18.74 -13.65 1.07
CA TYR B 88 -19.96 -13.39 1.82
C TYR B 88 -19.86 -12.07 2.59
N GLY B 89 -18.70 -11.86 3.23
CA GLY B 89 -18.41 -10.63 3.96
C GLY B 89 -18.39 -9.40 3.06
N ARG B 90 -17.79 -9.56 1.88
CA ARG B 90 -17.76 -8.50 0.87
C ARG B 90 -19.17 -8.11 0.42
N ILE B 91 -20.03 -9.11 0.22
CA ILE B 91 -21.43 -8.90 -0.14
C ILE B 91 -22.21 -8.21 0.99
N ARG B 92 -21.95 -8.62 2.23
CA ARG B 92 -22.53 -7.98 3.40
C ARG B 92 -22.20 -6.49 3.45
N GLN B 93 -20.94 -6.16 3.14
CA GLN B 93 -20.49 -4.77 3.06
C GLN B 93 -21.22 -4.00 1.96
N LYS B 94 -21.31 -4.61 0.78
CA LYS B 94 -21.92 -3.97 -0.40
C LYS B 94 -23.41 -3.68 -0.23
N THR B 95 -24.09 -4.49 0.58
CA THR B 95 -25.54 -4.36 0.78
C THR B 95 -25.89 -3.69 2.12
N SER B 96 -24.87 -3.22 2.84
CA SER B 96 -25.06 -2.65 4.18
C SER B 96 -25.57 -1.21 4.17
N ASP B 97 -25.33 -0.50 3.07
CA ASP B 97 -25.60 0.94 2.94
C ASP B 97 -24.67 1.78 3.83
N LEU B 98 -23.54 1.20 4.20
CA LEU B 98 -22.50 1.87 4.99
C LEU B 98 -21.14 1.78 4.29
N ASN B 99 -21.12 1.10 3.14
CA ASN B 99 -19.93 0.99 2.31
C ASN B 99 -19.73 2.28 1.53
N TRP B 100 -18.98 3.21 2.13
CA TRP B 100 -18.84 4.56 1.59
C TRP B 100 -18.17 4.62 0.21
N ALA B 101 -17.31 3.65 -0.08
CA ALA B 101 -16.71 3.49 -1.40
C ALA B 101 -17.75 3.18 -2.47
N GLU B 102 -18.87 2.60 -2.05
CA GLU B 102 -19.96 2.24 -2.96
C GLU B 102 -21.32 2.80 -2.52
N ASP B 103 -21.28 3.92 -1.81
CA ASP B 103 -22.49 4.66 -1.45
C ASP B 103 -22.19 6.17 -1.46
N PRO B 104 -22.60 6.87 -2.53
CA PRO B 104 -23.35 6.42 -3.72
C PRO B 104 -22.64 5.31 -4.52
N PRO B 105 -23.42 4.37 -5.09
CA PRO B 105 -22.88 3.23 -5.84
C PRO B 105 -22.27 3.63 -7.18
N SER B 106 -21.31 2.83 -7.64
CA SER B 106 -20.67 3.04 -8.94
C SER B 106 -21.60 2.60 -10.07
N ARG B 107 -21.43 3.24 -11.22
CA ARG B 107 -22.11 2.83 -12.44
C ARG B 107 -21.14 1.96 -13.24
N THR B 108 -21.51 0.69 -13.43
CA THR B 108 -20.60 -0.27 -14.07
C THR B 108 -21.18 -0.90 -15.33
N ARG B 109 -20.28 -1.32 -16.23
CA ARG B 109 -20.64 -2.11 -17.39
C ARG B 109 -19.60 -3.20 -17.60
N HIS B 110 -20.04 -4.46 -17.49
CA HIS B 110 -19.18 -5.60 -17.73
C HIS B 110 -19.39 -6.12 -19.15
N LEU B 111 -18.51 -5.71 -20.06
CA LEU B 111 -18.53 -6.20 -21.44
C LEU B 111 -17.86 -7.58 -21.48
N VAL B 112 -18.61 -8.58 -21.94
CA VAL B 112 -18.11 -9.96 -22.00
C VAL B 112 -17.98 -10.44 -23.44
N SER B 113 -16.75 -10.77 -23.85
CA SER B 113 -16.48 -11.28 -25.18
CA SER B 113 -16.48 -11.27 -25.18
C SER B 113 -15.31 -12.25 -25.18
N ASN B 114 -14.98 -12.78 -26.36
CA ASN B 114 -13.88 -13.74 -26.55
C ASN B 114 -14.02 -15.00 -25.69
N VAL B 115 -15.25 -15.50 -25.58
CA VAL B 115 -15.55 -16.67 -24.76
C VAL B 115 -15.08 -17.97 -25.42
N ILE B 116 -14.12 -18.63 -24.78
CA ILE B 116 -13.61 -19.92 -25.23
C ILE B 116 -13.89 -20.96 -24.15
N VAL B 117 -14.61 -22.02 -24.53
CA VAL B 117 -15.03 -23.05 -23.59
C VAL B 117 -14.24 -24.34 -23.79
N ARG B 118 -13.88 -24.98 -22.69
CA ARG B 118 -13.26 -26.30 -22.71
C ARG B 118 -14.00 -27.24 -21.76
N GLU B 119 -14.41 -28.39 -22.27
CA GLU B 119 -15.08 -29.41 -21.47
C GLU B 119 -14.05 -30.23 -20.69
N MET B 120 -14.19 -30.23 -19.37
CA MET B 120 -13.30 -30.98 -18.49
C MET B 120 -13.78 -32.44 -18.37
N ASP B 121 -12.95 -33.29 -17.77
CA ASP B 121 -13.25 -34.71 -17.65
C ASP B 121 -14.44 -35.02 -16.74
N THR B 122 -14.69 -34.17 -15.75
CA THR B 122 -15.86 -34.30 -14.89
C THR B 122 -17.10 -33.79 -15.63
N PRO B 123 -18.12 -34.67 -15.80
CA PRO B 123 -19.34 -34.29 -16.52
C PRO B 123 -20.03 -33.07 -15.90
N GLY B 124 -20.29 -32.07 -16.73
CA GLY B 124 -20.95 -30.84 -16.29
C GLY B 124 -19.99 -29.75 -15.84
N THR B 125 -18.70 -30.06 -15.82
CA THR B 125 -17.67 -29.10 -15.41
C THR B 125 -16.92 -28.55 -16.63
N LEU B 126 -16.81 -27.23 -16.70
CA LEU B 126 -16.17 -26.56 -17.84
C LEU B 126 -15.10 -25.57 -17.39
N GLU B 127 -14.02 -25.49 -18.16
CA GLU B 127 -13.05 -24.42 -18.00
C GLU B 127 -13.26 -23.39 -19.10
N VAL B 128 -13.45 -22.13 -18.71
CA VAL B 128 -13.82 -21.08 -19.65
C VAL B 128 -12.90 -19.85 -19.55
N ALA B 129 -12.35 -19.46 -20.69
CA ALA B 129 -11.59 -18.21 -20.81
C ALA B 129 -12.42 -17.16 -21.53
N SER B 130 -12.35 -15.92 -21.06
CA SER B 130 -13.06 -14.82 -21.67
C SER B 130 -12.30 -13.51 -21.46
N ALA B 131 -12.48 -12.58 -22.39
CA ALA B 131 -11.94 -11.23 -22.24
C ALA B 131 -13.02 -10.32 -21.67
N PHE B 132 -12.61 -9.32 -20.89
CA PHE B 132 -13.56 -8.37 -20.33
C PHE B 132 -13.11 -6.91 -20.46
N LEU B 133 -14.09 -6.03 -20.55
CA LEU B 133 -13.87 -4.60 -20.41
C LEU B 133 -14.84 -4.11 -19.35
N LEU B 134 -14.29 -3.75 -18.19
CA LEU B 134 -15.10 -3.25 -17.08
C LEU B 134 -15.00 -1.73 -17.04
N TYR B 135 -16.08 -1.07 -17.46
CA TYR B 135 -16.18 0.38 -17.37
C TYR B 135 -16.82 0.74 -16.03
N ARG B 136 -16.15 1.62 -15.29
CA ARG B 136 -16.66 2.07 -13.99
C ARG B 136 -16.65 3.60 -13.91
N SER B 137 -17.82 4.16 -13.62
CA SER B 137 -17.94 5.58 -13.37
C SER B 137 -18.71 5.80 -12.06
N ARG B 138 -18.32 6.83 -11.32
CA ARG B 138 -19.01 7.15 -10.07
C ARG B 138 -18.99 8.64 -9.74
N LEU B 139 -19.95 9.05 -8.91
CA LEU B 139 -20.12 10.45 -8.51
C LEU B 139 -20.22 11.37 -9.73
N GLU B 140 -19.48 12.47 -9.73
CA GLU B 140 -19.59 13.48 -10.78
C GLU B 140 -18.83 13.12 -12.05
N ARG B 141 -17.54 12.81 -11.92
CA ARG B 141 -16.66 12.67 -13.09
C ARG B 141 -15.70 11.48 -13.10
N GLN B 142 -15.60 10.77 -11.98
CA GLN B 142 -14.65 9.65 -11.87
C GLN B 142 -14.95 8.56 -12.90
N VAL B 143 -13.92 8.20 -13.67
CA VAL B 143 -14.00 7.10 -14.63
C VAL B 143 -12.78 6.20 -14.50
N ASP B 144 -13.03 4.90 -14.32
CA ASP B 144 -11.97 3.90 -14.29
C ASP B 144 -12.28 2.80 -15.30
N VAL B 145 -11.31 2.50 -16.17
CA VAL B 145 -11.46 1.45 -17.17
C VAL B 145 -10.56 0.28 -16.81
N PHE B 146 -11.16 -0.91 -16.71
CA PHE B 146 -10.44 -2.15 -16.45
C PHE B 146 -10.57 -3.08 -17.65
N ALA B 147 -9.46 -3.68 -18.05
CA ALA B 147 -9.47 -4.69 -19.10
C ALA B 147 -8.64 -5.89 -18.69
N GLY B 148 -8.97 -7.06 -19.25
CA GLY B 148 -8.22 -8.27 -18.96
C GLY B 148 -8.92 -9.55 -19.35
N GLU B 149 -8.55 -10.63 -18.66
CA GLU B 149 -9.05 -11.97 -18.98
C GLU B 149 -9.50 -12.68 -17.72
N ARG B 150 -10.60 -13.43 -17.83
CA ARG B 150 -11.07 -14.29 -16.75
C ARG B 150 -10.94 -15.75 -17.14
N ARG B 151 -10.42 -16.56 -16.22
CA ARG B 151 -10.35 -18.00 -16.42
C ARG B 151 -11.16 -18.69 -15.32
N ASP B 152 -12.30 -19.24 -15.71
CA ASP B 152 -13.27 -19.80 -14.77
C ASP B 152 -13.36 -21.31 -14.82
N VAL B 153 -13.77 -21.89 -13.70
CA VAL B 153 -14.27 -23.26 -13.67
C VAL B 153 -15.76 -23.15 -13.35
N LEU B 154 -16.60 -23.61 -14.29
CA LEU B 154 -18.05 -23.56 -14.12
C LEU B 154 -18.63 -24.96 -14.00
N ARG B 155 -19.63 -25.09 -13.14
CA ARG B 155 -20.36 -26.35 -12.97
C ARG B 155 -21.84 -26.15 -13.28
N ILE B 156 -22.46 -27.14 -13.91
CA ILE B 156 -23.91 -27.13 -14.13
C ILE B 156 -24.62 -27.22 -12.78
N ALA B 157 -25.66 -26.40 -12.61
CA ALA B 157 -26.40 -26.34 -11.35
C ALA B 157 -27.90 -26.21 -11.58
N ASP B 158 -28.68 -26.61 -10.58
CA ASP B 158 -30.15 -26.61 -10.65
C ASP B 158 -30.78 -25.23 -10.41
N ASN B 159 -29.96 -24.19 -10.36
CA ASN B 159 -30.46 -22.81 -10.24
C ASN B 159 -31.01 -22.29 -11.59
N PRO B 160 -31.84 -21.23 -11.56
CA PRO B 160 -32.43 -20.67 -12.78
C PRO B 160 -31.43 -20.30 -13.88
N LEU B 161 -30.20 -19.94 -13.49
CA LEU B 161 -29.16 -19.57 -14.46
C LEU B 161 -28.43 -20.79 -15.05
N GLY B 162 -28.56 -21.93 -14.38
CA GLY B 162 -28.02 -23.19 -14.89
C GLY B 162 -26.57 -23.49 -14.59
N PHE B 163 -25.85 -22.50 -14.06
CA PHE B 163 -24.43 -22.66 -13.74
C PHE B 163 -24.05 -22.07 -12.38
N GLN B 164 -22.96 -22.60 -11.82
CA GLN B 164 -22.30 -22.00 -10.66
C GLN B 164 -20.81 -21.84 -10.92
N ILE B 165 -20.24 -20.75 -10.42
CA ILE B 165 -18.81 -20.48 -10.56
C ILE B 165 -18.05 -21.19 -9.44
N ALA B 166 -17.25 -22.18 -9.82
CA ALA B 166 -16.45 -22.98 -8.89
C ALA B 166 -15.09 -22.34 -8.62
N LYS B 167 -14.50 -21.77 -9.67
CA LYS B 167 -13.22 -21.05 -9.56
C LYS B 167 -13.22 -19.85 -10.50
N ARG B 168 -12.56 -18.77 -10.06
CA ARG B 168 -12.35 -17.61 -10.92
C ARG B 168 -10.97 -17.00 -10.70
N THR B 169 -10.19 -16.95 -11.78
CA THR B 169 -8.90 -16.27 -11.78
C THR B 169 -8.98 -15.09 -12.74
N ILE B 170 -8.66 -13.90 -12.24
CA ILE B 170 -8.74 -12.68 -13.03
C ILE B 170 -7.36 -12.16 -13.42
N ILE B 171 -7.10 -12.12 -14.71
CA ILE B 171 -5.95 -11.42 -15.27
C ILE B 171 -6.37 -9.98 -15.51
N LEU B 172 -5.73 -9.06 -14.80
CA LEU B 172 -5.95 -7.63 -15.00
C LEU B 172 -4.79 -7.04 -15.79
N ASP B 173 -5.11 -6.37 -16.89
CA ASP B 173 -4.08 -5.79 -17.76
C ASP B 173 -3.51 -4.49 -17.20
N GLN B 174 -3.04 -4.56 -15.95
CA GLN B 174 -2.39 -3.46 -15.24
C GLN B 174 -1.36 -4.05 -14.29
N SER B 175 -0.28 -3.31 -14.05
CA SER B 175 0.66 -3.66 -13.00
C SER B 175 0.32 -2.85 -11.76
N THR B 176 0.59 -1.54 -11.81
CA THR B 176 0.09 -0.60 -10.81
C THR B 176 -1.40 -0.39 -11.06
N VAL B 177 -2.21 -0.58 -10.01
CA VAL B 177 -3.66 -0.37 -10.11
C VAL B 177 -3.93 1.11 -10.27
N LEU B 178 -4.53 1.48 -11.40
CA LEU B 178 -4.71 2.89 -11.76
C LEU B 178 -5.92 3.55 -11.11
N ALA B 179 -6.85 2.73 -10.64
CA ALA B 179 -8.01 3.20 -9.88
C ALA B 179 -7.64 3.39 -8.41
N ASN B 180 -8.43 4.17 -7.69
CA ASN B 180 -8.19 4.41 -6.26
C ASN B 180 -8.55 3.20 -5.40
N ASN B 181 -9.38 2.31 -5.94
CA ASN B 181 -9.75 1.05 -5.28
C ASN B 181 -10.20 -0.01 -6.27
N LEU B 182 -10.43 -1.22 -5.76
CA LEU B 182 -11.04 -2.29 -6.54
C LEU B 182 -12.38 -2.66 -5.91
N SER B 183 -13.25 -1.64 -5.75
CA SER B 183 -14.53 -1.80 -5.08
C SER B 183 -15.63 -2.33 -6.01
N VAL B 184 -15.22 -2.98 -7.09
CA VAL B 184 -16.14 -3.63 -8.02
C VAL B 184 -15.75 -5.09 -8.22
N PHE B 185 -16.74 -5.94 -8.49
CA PHE B 185 -16.49 -7.36 -8.72
C PHE B 185 -16.19 -7.62 -10.19
N PHE B 186 -15.29 -8.58 -10.44
CA PHE B 186 -14.87 -8.93 -11.78
C PHE B 186 -15.42 -10.30 -12.18
FE FE2 C . -9.03 3.49 8.08
FE1 FES D . 21.97 6.54 -20.97
FE2 FES D . 22.80 8.02 -23.37
S1 FES D . 23.60 6.23 -22.39
S2 FES D . 21.09 8.24 -22.03
C1 BNL E . -8.27 0.62 11.81
C2 BNL E . -6.97 1.00 12.16
C3 BNL E . -6.26 0.24 13.11
C4 BNL E . -6.85 -0.88 13.69
C5 BNL E . -8.15 -1.25 13.33
C6 BNL E . -8.85 -0.50 12.39
C12 BNL E . -5.34 3.28 9.63
C13 BNL E . -5.17 4.44 10.37
C14 BNL E . -5.60 4.49 11.69
C15 BNL E . -6.18 3.37 12.29
C16 BNL E . -6.35 2.20 11.54
C17 BNL E . -5.92 2.15 10.21
C1 GOL F . 11.09 -8.40 -6.92
O1 GOL F . 12.21 -7.83 -6.31
C2 GOL F . 9.79 -7.79 -6.43
O2 GOL F . 9.78 -7.54 -5.03
C3 GOL F . 9.47 -6.54 -7.23
O3 GOL F . 8.54 -5.72 -6.58
C1 GOL G . 14.77 -13.19 -5.07
O1 GOL G . 15.98 -12.98 -4.41
C2 GOL G . 13.59 -12.63 -4.28
O2 GOL G . 13.67 -12.86 -2.89
C3 GOL G . 13.40 -11.16 -4.60
O3 GOL G . 12.31 -10.62 -3.92
O1 MES H . -4.51 -36.67 -18.68
O1 MES H . -8.12 -9.60 25.74
C2 MES H . -5.41 -36.89 -17.59
C2 MES H . -6.86 -10.28 25.64
C3 MES H . -6.66 -36.02 -17.73
C3 MES H . -6.51 -10.95 26.96
N4 MES H . -6.27 -34.62 -17.82
N4 MES H . -6.49 -9.96 28.03
C5 MES H . -5.31 -34.37 -18.88
C5 MES H . -7.74 -9.21 28.11
C6 MES H . -4.12 -35.30 -18.76
C6 MES H . -8.10 -8.61 26.77
C7 MES H . -7.45 -33.76 -17.97
C7 MES H . -6.15 -10.56 29.31
C8 MES H . -7.55 -32.69 -16.91
C8 MES H . -4.88 -9.99 29.92
S MES H . -9.01 -31.71 -17.03
S MES H . -4.07 -11.12 30.99
O1S MES H . -8.59 -30.35 -16.69
O1S MES H . -2.91 -10.38 31.52
O2S MES H . -9.98 -32.22 -16.08
O2S MES H . -3.66 -12.26 30.21
O3S MES H . -9.49 -31.79 -18.41
O3S MES H . -5.01 -11.47 32.05
#